data_3SCM
#
_entry.id   3SCM
#
_cell.length_a   94.523
_cell.length_b   94.523
_cell.length_c   289.613
_cell.angle_alpha   90.00
_cell.angle_beta   90.00
_cell.angle_gamma   90.00
#
_symmetry.space_group_name_H-M   'P 41 21 2'
#
loop_
_entity.id
_entity.type
_entity.pdbx_description
1 polymer 'Antigen-presenting glycoprotein CD1d1'
2 polymer Beta-2-microglobulin
3 polymer 'NKT TCR Valpha14 chain'
4 polymer 'NKT TCR autoreactive-Vbeta6 chain'
5 branched 2-acetamido-2-deoxy-beta-D-glucopyranose-(1-4)-2-acetamido-2-deoxy-beta-D-glucopyranose
6 non-polymer 2-acetamido-2-deoxy-beta-D-glucopyranose
7 non-polymer N-[(2S,3R,4E)-1-{[alpha-D-galactopyranosyl-(1->3)-beta-D-galactopyranosyl-(1->4)-beta-D-glucopyranosyl]oxy}-3-hydroxyoctadec-4-en-2-yl]hexacosanamide
8 water water
#
loop_
_entity_poly.entity_id
_entity_poly.type
_entity_poly.pdbx_seq_one_letter_code
_entity_poly.pdbx_strand_id
1 'polypeptide(L)'
;SEAQQKNYTFRCLQMSSFANRSWSRTDSVVWLGDLQTHRWSNDSATISFTKPWSQGKLSNQQWEKLQHMFQVYRVSFTRD
IQELVKMMSPKEDYPIEIQLSAGCEMYPGNASESFLHVAFQGKYVVRFWGTSWQTVPGAPSWLDLPIKVLNADQGTSATV
QMLLNDTCPLFVRGLLEAGKSDLEKQEKPVAWLSSVPSSAHGHRQLVCHVSGFYPKPVWVMWMRGDQEQQGTHRGDFLPN
ADETWYLQATLDVEAGEEAGLACRVKHSSLGGQDIILYWGSLHHILDAQKMVWNHRHHHHHH
;
A
2 'polypeptide(L)'
;IQKTPQIQVYSRHPPENGKPNILNCYVTQFHPPHIEIQMLKNGKKIPKVEMSDMSFSKDWSFYILAHTEFTPTETDTYAC
RVKHASMAEPKTVYWDRDM
;
B
3 'polypeptide(L)'
;TQVEQSPQSLVVRQGENSVLQCNYSVTPDNHLRWFKQDTGKGLVSLTVLVDQKDKTSNGRYSATLDKDAKHSTLHITATL
LDDTATYICVVGDRGSALGRLHFGAGTQLIVIPDIQNPDPAVYQLRDSKSSDKSVCLFTDFDSQTNVSQSKDSDVYITDK
CVLDMRSMDFKSNSAVAWSNKSDFACANAFNNSIIPEDTFFPSPESS
;
C
4 'polypeptide(L)'
;HMGGIITQTPKFLIGQEGQKLTLKCQQNFNHDTMYWYRQDSGKGLRLIYYSYGAGSTEKGDLSEGYDASREKKSSFSLTV
TSAQKNEMAVFLCASGSLLDVREVFFGKGTRLTVVEDLKNVFPPEVAVFEPSEAEISHTQKATLVCLATGFYPDHVELSW
WVNGKEVHSGVCTDPQPLKEQPALNDSRYALSSRLRVSATFWQNPRNHFRCQVQFYGLSENDEWTQDRAKPVTQIVSAEA
WGRAD
;
D
#
# COMPACT_ATOMS: atom_id res chain seq x y z
N ASN A 7 14.89 -34.75 -13.69
CA ASN A 7 15.95 -34.80 -12.69
C ASN A 7 15.84 -33.81 -11.51
N TYR A 8 16.05 -32.52 -11.69
CA TYR A 8 16.06 -31.61 -10.55
C TYR A 8 14.92 -30.61 -10.44
N THR A 9 14.47 -30.41 -9.23
CA THR A 9 13.44 -29.45 -8.90
C THR A 9 14.00 -28.34 -8.03
N PHE A 10 13.69 -27.10 -8.36
CA PHE A 10 14.17 -25.95 -7.65
C PHE A 10 12.97 -25.42 -6.94
N ARG A 11 13.07 -25.13 -5.67
CA ARG A 11 11.95 -24.67 -4.90
C ARG A 11 12.28 -23.46 -4.10
N CYS A 12 11.41 -22.48 -4.16
CA CYS A 12 11.57 -21.37 -3.30
C CYS A 12 10.40 -21.46 -2.37
N LEU A 13 10.66 -21.49 -1.07
CA LEU A 13 9.63 -21.72 -0.12
C LEU A 13 9.47 -20.56 0.78
N GLN A 14 8.27 -20.06 0.89
CA GLN A 14 8.00 -18.93 1.73
C GLN A 14 7.00 -19.29 2.79
N MET A 15 7.25 -18.88 4.02
CA MET A 15 6.34 -19.13 5.10
C MET A 15 5.97 -17.82 5.72
N SER A 16 4.73 -17.46 5.64
CA SER A 16 4.31 -16.19 6.16
C SER A 16 3.29 -16.38 7.23
N SER A 17 3.49 -15.72 8.35
CA SER A 17 2.66 -15.86 9.50
C SER A 17 2.11 -14.53 9.94
N PHE A 18 0.81 -14.48 10.13
CA PHE A 18 0.16 -13.25 10.58
C PHE A 18 -0.68 -13.57 11.82
N ALA A 19 -0.28 -13.00 12.96
CA ALA A 19 -0.88 -13.38 14.26
C ALA A 19 -2.04 -12.49 14.66
N ASN A 20 -1.88 -11.20 14.40
CA ASN A 20 -2.93 -10.20 14.55
C ASN A 20 -2.61 -9.06 13.57
N ARG A 21 -3.24 -7.90 13.77
CA ARG A 21 -3.02 -6.75 12.89
C ARG A 21 -1.58 -6.23 12.92
N SER A 22 -0.99 -6.17 14.10
CA SER A 22 0.38 -5.67 14.27
C SER A 22 1.47 -6.68 13.87
N TRP A 23 1.37 -7.91 14.38
CA TRP A 23 2.48 -8.89 14.31
C TRP A 23 2.47 -9.73 13.03
N SER A 24 3.64 -9.81 12.39
CA SER A 24 3.86 -10.76 11.27
C SER A 24 5.33 -10.96 10.95
N ARG A 25 5.66 -12.15 10.46
CA ARG A 25 7.01 -12.45 10.00
C ARG A 25 6.93 -13.28 8.74
N THR A 26 7.95 -13.16 7.90
CA THR A 26 8.09 -13.99 6.71
C THR A 26 9.48 -14.65 6.68
N ASP A 27 9.53 -15.96 6.44
CA ASP A 27 10.78 -16.69 6.33
C ASP A 27 10.80 -17.51 5.05
N SER A 28 11.95 -17.55 4.37
CA SER A 28 12.01 -18.32 3.13
C SER A 28 13.24 -19.21 3.10
N VAL A 29 13.12 -20.32 2.38
CA VAL A 29 14.25 -21.22 2.15
C VAL A 29 14.21 -21.70 0.71
N VAL A 30 15.38 -21.85 0.10
CA VAL A 30 15.44 -22.33 -1.27
C VAL A 30 16.19 -23.66 -1.37
N TRP A 31 15.61 -24.57 -2.16
CA TRP A 31 16.14 -25.91 -2.34
C TRP A 31 16.45 -26.21 -3.81
N LEU A 32 17.57 -26.88 -4.04
CA LEU A 32 17.87 -27.45 -5.34
C LEU A 32 18.04 -28.96 -5.16
N GLY A 33 17.09 -29.73 -5.69
CA GLY A 33 16.96 -31.14 -5.33
C GLY A 33 16.67 -31.17 -3.84
N ASP A 34 17.54 -31.83 -3.07
CA ASP A 34 17.44 -31.78 -1.61
C ASP A 34 18.62 -31.08 -0.95
N LEU A 35 19.27 -30.20 -1.70
CA LEU A 35 20.34 -29.37 -1.15
C LEU A 35 19.84 -27.94 -1.00
N GLN A 36 20.11 -27.34 0.16
CA GLN A 36 19.65 -25.98 0.44
C GLN A 36 20.61 -24.95 -0.14
N THR A 37 20.07 -24.02 -0.92
CA THR A 37 20.89 -23.03 -1.60
C THR A 37 20.81 -21.65 -0.97
N HIS A 38 19.64 -21.33 -0.42
CA HIS A 38 19.43 -20.02 0.17
C HIS A 38 18.65 -20.04 1.48
N ARG A 39 18.75 -18.94 2.22
CA ARG A 39 18.07 -18.75 3.49
C ARG A 39 17.74 -17.26 3.63
N TRP A 40 16.46 -16.95 3.82
CA TRP A 40 16.08 -15.55 4.00
C TRP A 40 15.16 -15.38 5.23
N SER A 41 15.76 -14.85 6.29
CA SER A 41 15.10 -14.72 7.60
C SER A 41 14.49 -13.33 7.73
N ASN A 42 13.35 -13.25 8.43
CA ASN A 42 12.63 -11.99 8.59
C ASN A 42 13.53 -10.83 9.03
N ASP A 43 14.47 -11.11 9.93
CA ASP A 43 15.37 -10.07 10.46
C ASP A 43 16.52 -9.72 9.51
N SER A 44 16.79 -10.58 8.53
CA SER A 44 17.83 -10.30 7.56
C SER A 44 17.29 -9.50 6.37
N ALA A 45 17.95 -8.38 6.09
CA ALA A 45 17.62 -7.55 4.95
C ALA A 45 17.98 -8.23 3.64
N THR A 46 19.00 -9.10 3.67
CA THR A 46 19.50 -9.77 2.46
C THR A 46 19.32 -11.29 2.46
N ILE A 47 19.26 -11.84 1.24
CA ILE A 47 19.18 -13.28 0.99
C ILE A 47 20.55 -13.94 1.21
N SER A 48 20.59 -14.91 2.12
CA SER A 48 21.86 -15.54 2.51
C SER A 48 22.18 -16.79 1.71
N PHE A 49 23.39 -16.86 1.17
CA PHE A 49 23.91 -18.04 0.51
C PHE A 49 24.24 -19.12 1.55
N THR A 50 23.95 -20.38 1.22
CA THR A 50 24.25 -21.51 2.10
C THR A 50 25.20 -22.48 1.41
N LYS A 51 25.48 -22.19 0.14
CA LYS A 51 26.46 -22.91 -0.66
C LYS A 51 27.38 -21.88 -1.28
N PRO A 52 28.65 -22.25 -1.58
CA PRO A 52 29.57 -21.28 -2.17
C PRO A 52 29.14 -20.86 -3.57
N TRP A 53 28.39 -21.73 -4.24
CA TRP A 53 27.96 -21.55 -5.61
C TRP A 53 26.50 -21.09 -5.73
N SER A 54 26.02 -20.42 -4.68
CA SER A 54 24.60 -20.09 -4.57
C SER A 54 24.14 -18.98 -5.53
N GLN A 55 25.08 -18.15 -5.96
CA GLN A 55 24.79 -17.09 -6.91
C GLN A 55 24.68 -17.63 -8.33
N GLY A 56 24.92 -18.93 -8.49
CA GLY A 56 24.90 -19.55 -9.81
C GLY A 56 25.88 -18.85 -10.72
N LYS A 57 25.42 -18.46 -11.90
CA LYS A 57 26.27 -17.78 -12.87
C LYS A 57 25.91 -16.31 -13.05
N LEU A 58 25.02 -15.80 -12.20
CA LEU A 58 24.61 -14.40 -12.28
C LEU A 58 25.72 -13.49 -11.81
N SER A 59 25.81 -12.32 -12.42
CA SER A 59 26.79 -11.30 -12.02
C SER A 59 26.33 -10.65 -10.72
N ASN A 60 27.25 -9.96 -10.04
CA ASN A 60 26.92 -9.26 -8.80
C ASN A 60 25.69 -8.37 -8.94
N GLN A 61 25.64 -7.58 -10.01
CA GLN A 61 24.52 -6.66 -10.23
C GLN A 61 23.25 -7.34 -10.75
N GLN A 62 23.41 -8.44 -11.51
CA GLN A 62 22.28 -9.29 -11.89
C GLN A 62 21.60 -9.81 -10.62
N TRP A 63 22.42 -10.23 -9.65
CA TRP A 63 21.89 -10.73 -8.38
C TRP A 63 21.12 -9.64 -7.66
N GLU A 64 21.72 -8.46 -7.54
CA GLU A 64 21.07 -7.32 -6.89
C GLU A 64 19.72 -7.04 -7.56
N LYS A 65 19.68 -7.05 -8.88
CA LYS A 65 18.40 -6.80 -9.53
C LYS A 65 17.38 -7.86 -9.04
N LEU A 66 17.83 -9.11 -8.94
CA LEU A 66 16.99 -10.18 -8.38
C LEU A 66 16.64 -10.01 -6.90
N GLN A 67 17.62 -9.59 -6.10
CA GLN A 67 17.49 -9.45 -4.66
C GLN A 67 16.63 -8.24 -4.30
N HIS A 68 16.91 -7.11 -4.94
CA HIS A 68 16.16 -5.88 -4.71
C HIS A 68 14.67 -6.05 -5.01
N MET A 69 14.36 -6.75 -6.10
CA MET A 69 12.98 -7.02 -6.47
C MET A 69 12.29 -7.86 -5.38
N PHE A 70 13.02 -8.83 -4.83
CA PHE A 70 12.50 -9.66 -3.74
C PHE A 70 12.31 -8.84 -2.46
N GLN A 71 13.27 -7.99 -2.15
CA GLN A 71 13.17 -7.16 -0.94
C GLN A 71 11.91 -6.31 -0.96
N VAL A 72 11.61 -5.71 -2.12
CA VAL A 72 10.42 -4.88 -2.30
C VAL A 72 9.16 -5.74 -2.25
N TYR A 73 9.26 -6.95 -2.78
CA TYR A 73 8.16 -7.91 -2.75
C TYR A 73 7.78 -8.32 -1.34
N ARG A 74 8.77 -8.51 -0.47
CA ARG A 74 8.51 -8.99 0.89
C ARG A 74 7.62 -8.05 1.70
N VAL A 75 7.96 -6.77 1.68
CA VAL A 75 7.20 -5.77 2.44
C VAL A 75 5.86 -5.44 1.78
N SER A 76 5.79 -5.62 0.47
CA SER A 76 4.56 -5.33 -0.29
C SER A 76 3.53 -6.44 -0.16
N PHE A 77 4.02 -7.67 -0.04
CA PHE A 77 3.16 -8.83 0.19
C PHE A 77 2.58 -8.75 1.59
N THR A 78 3.43 -8.41 2.57
CA THR A 78 3.02 -8.30 3.96
C THR A 78 1.85 -7.33 4.10
N ARG A 79 1.99 -6.12 3.54
CA ARG A 79 0.92 -5.13 3.59
C ARG A 79 -0.32 -5.56 2.77
N ASP A 80 -0.11 -6.12 1.58
CA ASP A 80 -1.22 -6.59 0.74
C ASP A 80 -2.08 -7.64 1.44
N ILE A 81 -1.44 -8.50 2.23
CA ILE A 81 -2.18 -9.52 2.98
C ILE A 81 -3.04 -8.88 4.08
N GLN A 82 -2.44 -7.97 4.83
CA GLN A 82 -3.14 -7.23 5.88
C GLN A 82 -4.38 -6.52 5.34
N GLU A 83 -4.24 -5.87 4.18
CA GLU A 83 -5.36 -5.19 3.53
C GLU A 83 -6.42 -6.19 3.08
N LEU A 84 -5.99 -7.34 2.56
CA LEU A 84 -6.92 -8.39 2.17
C LEU A 84 -7.74 -8.90 3.36
N VAL A 85 -7.11 -8.94 4.54
CA VAL A 85 -7.83 -9.33 5.76
C VAL A 85 -8.84 -8.23 6.11
N LYS A 86 -8.41 -6.98 6.04
CA LYS A 86 -9.32 -5.84 6.24
C LYS A 86 -10.53 -5.90 5.30
N MET A 87 -10.29 -6.37 4.08
CA MET A 87 -11.33 -6.44 3.05
C MET A 87 -12.30 -7.59 3.31
N MET A 88 -11.79 -8.70 3.85
CA MET A 88 -12.61 -9.87 4.18
C MET A 88 -13.08 -9.79 5.63
N SER A 89 -13.95 -8.82 5.90
CA SER A 89 -14.19 -8.36 7.28
C SER A 89 -14.55 -9.44 8.32
N PRO A 90 -15.43 -10.40 7.96
CA PRO A 90 -15.55 -11.56 8.82
C PRO A 90 -15.28 -12.87 8.08
N LYS A 91 -15.06 -12.79 6.78
CA LYS A 91 -14.94 -13.99 5.94
C LYS A 91 -13.70 -14.79 6.31
N GLU A 92 -12.60 -14.08 6.57
CA GLU A 92 -11.41 -14.67 7.15
C GLU A 92 -10.84 -13.70 8.16
N ASP A 93 -10.01 -14.21 9.06
CA ASP A 93 -9.41 -13.41 10.11
C ASP A 93 -8.10 -14.05 10.61
N TYR A 94 -7.28 -13.25 11.29
CA TYR A 94 -6.06 -13.75 11.90
C TYR A 94 -6.44 -14.75 12.99
N PRO A 95 -5.59 -15.75 13.23
CA PRO A 95 -4.25 -15.81 12.64
C PRO A 95 -4.20 -16.38 11.22
N ILE A 96 -3.18 -15.99 10.46
CA ILE A 96 -3.05 -16.36 9.05
C ILE A 96 -1.71 -17.03 8.78
N GLU A 97 -1.77 -18.21 8.16
CA GLU A 97 -0.58 -18.89 7.72
C GLU A 97 -0.66 -19.08 6.21
N ILE A 98 0.34 -18.53 5.52
CA ILE A 98 0.44 -18.66 4.07
C ILE A 98 1.76 -19.29 3.68
N GLN A 99 1.71 -20.21 2.72
CA GLN A 99 2.88 -20.86 2.19
C GLN A 99 2.93 -20.73 0.69
N LEU A 100 4.07 -20.31 0.17
CA LEU A 100 4.31 -20.25 -1.26
C LEU A 100 5.40 -21.22 -1.66
N SER A 101 5.12 -22.02 -2.69
CA SER A 101 6.15 -22.83 -3.33
C SER A 101 6.29 -22.42 -4.80
N ALA A 102 7.43 -21.82 -5.13
CA ALA A 102 7.70 -21.34 -6.47
C ALA A 102 9.05 -21.87 -6.97
N GLY A 103 9.11 -22.24 -8.25
CA GLY A 103 10.34 -22.72 -8.83
C GLY A 103 10.22 -23.45 -10.15
N CYS A 104 11.21 -24.30 -10.42
CA CYS A 104 11.39 -24.95 -11.70
C CYS A 104 11.73 -26.41 -11.56
N GLU A 105 11.18 -27.24 -12.45
CA GLU A 105 11.65 -28.60 -12.61
C GLU A 105 12.43 -28.70 -13.93
N MET A 106 13.73 -28.98 -13.81
CA MET A 106 14.62 -29.03 -14.97
C MET A 106 14.65 -30.41 -15.63
N TYR A 107 14.66 -30.39 -16.96
CA TYR A 107 14.72 -31.62 -17.74
C TYR A 107 15.88 -31.53 -18.75
N PRO A 108 16.18 -32.65 -19.45
CA PRO A 108 17.22 -32.61 -20.49
C PRO A 108 16.79 -31.82 -21.73
N GLY A 109 17.71 -31.02 -22.26
CA GLY A 109 17.45 -30.27 -23.48
C GLY A 109 16.93 -28.87 -23.24
N ASN A 110 16.97 -28.43 -21.99
CA ASN A 110 16.49 -27.10 -21.64
C ASN A 110 15.00 -27.12 -21.42
N ALA A 111 14.41 -28.31 -21.49
CA ALA A 111 13.01 -28.46 -21.16
C ALA A 111 12.91 -28.10 -19.69
N SER A 112 11.87 -27.36 -19.33
CA SER A 112 11.75 -26.83 -17.99
C SER A 112 10.28 -26.52 -17.74
N GLU A 113 9.82 -26.83 -16.54
CA GLU A 113 8.45 -26.52 -16.13
C GLU A 113 8.46 -25.66 -14.88
N SER A 114 7.70 -24.57 -14.89
CA SER A 114 7.64 -23.68 -13.74
C SER A 114 6.31 -23.79 -12.99
N PHE A 115 6.33 -23.34 -11.73
CA PHE A 115 5.16 -23.43 -10.85
C PHE A 115 5.22 -22.35 -9.79
N LEU A 116 4.05 -21.85 -9.40
CA LEU A 116 3.93 -21.02 -8.22
C LEU A 116 2.65 -21.42 -7.51
N HIS A 117 2.79 -22.11 -6.39
CA HIS A 117 1.64 -22.62 -5.66
C HIS A 117 1.51 -21.89 -4.33
N VAL A 118 0.27 -21.64 -3.91
CA VAL A 118 0.00 -20.93 -2.67
C VAL A 118 -0.94 -21.75 -1.79
N ALA A 119 -0.60 -21.82 -0.51
CA ALA A 119 -1.42 -22.51 0.46
C ALA A 119 -1.86 -21.55 1.54
N PHE A 120 -3.08 -21.74 2.00
CA PHE A 120 -3.69 -20.88 3.00
C PHE A 120 -4.15 -21.80 4.13
N GLN A 121 -3.73 -21.47 5.34
CA GLN A 121 -3.98 -22.31 6.53
C GLN A 121 -3.69 -23.80 6.26
N GLY A 122 -2.62 -24.08 5.53
CA GLY A 122 -2.19 -25.44 5.25
C GLY A 122 -2.81 -26.15 4.06
N LYS A 123 -3.83 -25.55 3.45
CA LYS A 123 -4.45 -26.12 2.25
C LYS A 123 -4.06 -25.37 0.95
N TYR A 124 -3.69 -26.13 -0.07
CA TYR A 124 -3.35 -25.57 -1.38
C TYR A 124 -4.60 -24.97 -2.02
N VAL A 125 -4.51 -23.70 -2.41
CA VAL A 125 -5.68 -22.92 -2.83
C VAL A 125 -5.50 -22.15 -4.15
N VAL A 126 -4.34 -21.54 -4.32
CA VAL A 126 -4.10 -20.65 -5.45
C VAL A 126 -2.82 -21.00 -6.19
N ARG A 127 -2.88 -20.98 -7.51
CA ARG A 127 -1.68 -21.03 -8.33
C ARG A 127 -1.65 -19.88 -9.34
N PHE A 128 -0.43 -19.51 -9.75
CA PHE A 128 -0.28 -18.61 -10.88
C PHE A 128 -0.18 -19.48 -12.12
N TRP A 129 -1.05 -19.22 -13.08
CA TRP A 129 -1.14 -20.05 -14.28
C TRP A 129 -1.23 -19.20 -15.55
N GLY A 130 -0.24 -19.35 -16.43
CA GLY A 130 -0.23 -18.62 -17.69
C GLY A 130 0.10 -17.16 -17.51
N THR A 131 -0.94 -16.35 -17.29
CA THR A 131 -0.79 -14.89 -17.13
C THR A 131 -1.46 -14.32 -15.87
N SER A 132 -2.05 -15.18 -15.05
CA SER A 132 -2.84 -14.72 -13.91
C SER A 132 -2.98 -15.74 -12.78
N TRP A 133 -3.48 -15.27 -11.64
CA TRP A 133 -3.80 -16.12 -10.50
C TRP A 133 -5.06 -16.92 -10.77
N GLN A 134 -5.10 -18.13 -10.23
CA GLN A 134 -6.21 -19.05 -10.37
C GLN A 134 -6.47 -19.76 -9.04
N THR A 135 -7.74 -19.95 -8.72
CA THR A 135 -8.08 -20.85 -7.61
C THR A 135 -8.14 -22.27 -8.15
N VAL A 136 -7.71 -23.22 -7.32
CA VAL A 136 -7.69 -24.62 -7.71
C VAL A 136 -8.95 -25.31 -7.17
N PRO A 137 -9.30 -26.49 -7.73
CA PRO A 137 -10.51 -27.21 -7.27
C PRO A 137 -10.53 -27.45 -5.75
N GLY A 138 -11.70 -27.30 -5.15
CA GLY A 138 -11.84 -27.47 -3.70
C GLY A 138 -11.46 -26.23 -2.91
N ALA A 139 -10.98 -25.21 -3.62
CA ALA A 139 -10.67 -23.92 -2.99
C ALA A 139 -11.96 -23.29 -2.47
N PRO A 140 -11.87 -22.58 -1.32
CA PRO A 140 -13.08 -21.91 -0.82
C PRO A 140 -13.49 -20.77 -1.74
N SER A 141 -14.80 -20.56 -1.85
CA SER A 141 -15.37 -19.66 -2.85
C SER A 141 -15.10 -18.17 -2.64
N TRP A 142 -14.99 -17.74 -1.37
CA TRP A 142 -14.70 -16.33 -1.05
C TRP A 142 -13.39 -15.82 -1.66
N LEU A 143 -12.55 -16.77 -2.03
CA LEU A 143 -11.19 -16.53 -2.51
C LEU A 143 -11.17 -15.73 -3.80
N ASP A 144 -12.15 -15.97 -4.67
CA ASP A 144 -12.13 -15.44 -6.02
C ASP A 144 -12.09 -13.91 -6.05
N LEU A 145 -12.84 -13.26 -5.16
CA LEU A 145 -12.81 -11.79 -5.16
C LEU A 145 -11.39 -11.25 -4.96
N PRO A 146 -10.71 -11.66 -3.85
CA PRO A 146 -9.28 -11.34 -3.71
C PRO A 146 -8.48 -11.60 -4.99
N ILE A 147 -8.73 -12.73 -5.64
CA ILE A 147 -8.07 -13.11 -6.90
C ILE A 147 -8.35 -12.09 -8.01
N LYS A 148 -9.61 -11.66 -8.13
CA LYS A 148 -9.98 -10.62 -9.09
C LYS A 148 -9.23 -9.32 -8.81
N VAL A 149 -9.29 -8.89 -7.55
CA VAL A 149 -8.55 -7.71 -7.09
C VAL A 149 -7.07 -7.78 -7.46
N LEU A 150 -6.45 -8.92 -7.18
CA LEU A 150 -5.04 -9.15 -7.46
C LEU A 150 -4.72 -9.28 -8.97
N ASN A 151 -5.65 -9.82 -9.75
CA ASN A 151 -5.42 -9.99 -11.18
C ASN A 151 -5.54 -8.69 -11.98
N ALA A 152 -6.05 -7.65 -11.34
CA ALA A 152 -6.13 -6.33 -11.96
C ALA A 152 -4.75 -5.66 -11.98
N ASP A 153 -3.76 -6.31 -11.38
CA ASP A 153 -2.40 -5.78 -11.32
C ASP A 153 -1.54 -6.48 -12.36
N GLN A 154 -1.45 -5.85 -13.54
CA GLN A 154 -0.74 -6.46 -14.67
C GLN A 154 0.77 -6.32 -14.51
N GLY A 155 1.19 -5.40 -13.66
CA GLY A 155 2.59 -5.23 -13.32
C GLY A 155 3.14 -6.45 -12.60
N THR A 156 2.50 -6.78 -11.48
CA THR A 156 2.80 -8.01 -10.75
C THR A 156 2.78 -9.20 -11.70
N SER A 157 1.78 -9.25 -12.56
CA SER A 157 1.65 -10.35 -13.51
C SER A 157 2.86 -10.45 -14.43
N ALA A 158 3.32 -9.31 -14.94
CA ALA A 158 4.45 -9.26 -15.85
C ALA A 158 5.76 -9.64 -15.15
N THR A 159 5.91 -9.22 -13.89
CA THR A 159 7.08 -9.59 -13.09
C THR A 159 7.15 -11.09 -12.83
N VAL A 160 6.03 -11.67 -12.43
CA VAL A 160 5.95 -13.10 -12.14
C VAL A 160 6.20 -13.90 -13.41
N GLN A 161 5.65 -13.47 -14.53
CA GLN A 161 5.85 -14.20 -15.78
C GLN A 161 7.34 -14.24 -16.14
N MET A 162 8.05 -13.13 -15.92
CA MET A 162 9.48 -13.07 -16.19
C MET A 162 10.30 -14.03 -15.31
N LEU A 163 9.93 -14.11 -14.03
CA LEU A 163 10.58 -15.00 -13.08
C LEU A 163 10.34 -16.47 -13.43
N LEU A 164 9.11 -16.80 -13.78
CA LEU A 164 8.73 -18.17 -14.09
C LEU A 164 9.17 -18.61 -15.49
N ASN A 165 8.80 -17.85 -16.53
CA ASN A 165 9.15 -18.21 -17.90
C ASN A 165 10.64 -18.19 -18.22
N ASP A 166 11.35 -17.17 -17.74
CA ASP A 166 12.74 -16.94 -18.15
C ASP A 166 13.78 -17.04 -17.02
N THR A 167 13.59 -16.24 -15.96
CA THR A 167 14.61 -16.09 -14.92
C THR A 167 14.95 -17.39 -14.20
N CYS A 168 13.93 -18.09 -13.70
CA CYS A 168 14.17 -19.32 -12.94
C CYS A 168 14.89 -20.41 -13.77
N PRO A 169 14.37 -20.76 -14.96
CA PRO A 169 15.11 -21.72 -15.78
C PRO A 169 16.55 -21.29 -16.09
N LEU A 170 16.79 -19.98 -16.13
CA LEU A 170 18.11 -19.45 -16.41
C LEU A 170 19.03 -19.58 -15.21
N PHE A 171 18.51 -19.21 -14.04
CA PHE A 171 19.28 -19.21 -12.81
C PHE A 171 19.70 -20.61 -12.40
N VAL A 172 18.80 -21.58 -12.59
CA VAL A 172 19.06 -22.95 -12.17
C VAL A 172 19.98 -23.73 -13.12
N ARG A 173 20.01 -23.31 -14.38
CA ARG A 173 20.97 -23.85 -15.32
C ARG A 173 22.35 -23.49 -14.81
N GLY A 174 22.46 -22.27 -14.28
CA GLY A 174 23.70 -21.79 -13.69
C GLY A 174 24.05 -22.47 -12.39
N LEU A 175 23.03 -22.84 -11.62
CA LEU A 175 23.24 -23.54 -10.35
C LEU A 175 23.72 -24.95 -10.59
N LEU A 176 23.10 -25.64 -11.56
CA LEU A 176 23.47 -26.99 -11.93
C LEU A 176 24.92 -27.09 -12.42
N GLU A 177 25.41 -26.01 -13.02
CA GLU A 177 26.80 -25.93 -13.46
C GLU A 177 27.73 -25.65 -12.27
N ALA A 178 27.54 -24.50 -11.63
CA ALA A 178 28.43 -24.03 -10.57
C ALA A 178 28.49 -24.93 -9.34
N GLY A 179 27.46 -25.76 -9.17
CA GLY A 179 27.38 -26.65 -8.03
C GLY A 179 27.41 -28.12 -8.38
N LYS A 180 27.81 -28.44 -9.60
CA LYS A 180 27.84 -29.82 -10.11
C LYS A 180 28.50 -30.81 -9.16
N SER A 181 29.69 -30.49 -8.67
CA SER A 181 30.43 -31.39 -7.79
C SER A 181 29.67 -31.73 -6.52
N ASP A 182 29.17 -30.71 -5.83
CA ASP A 182 28.30 -30.89 -4.67
C ASP A 182 27.06 -31.74 -4.99
N LEU A 183 26.42 -31.45 -6.13
CA LEU A 183 25.20 -32.15 -6.53
C LEU A 183 25.43 -33.63 -6.89
N GLU A 184 26.65 -33.95 -7.30
CA GLU A 184 26.98 -35.29 -7.78
C GLU A 184 27.86 -36.07 -6.80
N LYS A 185 28.04 -35.55 -5.58
CA LYS A 185 28.90 -36.20 -4.59
C LYS A 185 28.30 -37.52 -4.09
N GLN A 186 29.18 -38.44 -3.71
CA GLN A 186 28.78 -39.73 -3.19
C GLN A 186 29.28 -39.89 -1.76
N GLU A 187 28.36 -40.06 -0.82
CA GLU A 187 28.72 -40.31 0.57
C GLU A 187 28.23 -41.70 0.97
N LYS A 188 29.12 -42.49 1.57
CA LYS A 188 28.86 -43.91 1.82
C LYS A 188 27.99 -44.15 3.07
N PRO A 189 27.04 -45.08 2.97
CA PRO A 189 26.26 -45.47 4.16
C PRO A 189 27.11 -46.27 5.14
N VAL A 190 26.81 -46.10 6.43
CA VAL A 190 27.37 -46.93 7.47
C VAL A 190 26.19 -47.62 8.14
N ALA A 191 26.27 -48.95 8.28
CA ALA A 191 25.17 -49.70 8.87
C ALA A 191 25.53 -50.35 10.19
N TRP A 192 24.55 -50.39 11.10
CA TRP A 192 24.69 -51.11 12.38
C TRP A 192 23.37 -51.72 12.85
N LEU A 193 23.46 -52.86 13.53
CA LEU A 193 22.30 -53.61 13.95
C LEU A 193 21.91 -53.36 15.40
N SER A 194 20.66 -53.66 15.72
CA SER A 194 20.14 -53.69 17.10
C SER A 194 18.81 -54.42 17.11
N SER A 195 18.20 -54.55 18.29
CA SER A 195 16.87 -55.15 18.39
C SER A 195 16.15 -54.72 19.66
N VAL A 196 14.82 -54.78 19.60
CA VAL A 196 13.97 -54.56 20.77
C VAL A 196 12.96 -55.72 20.86
N PRO A 197 12.35 -55.93 22.04
CA PRO A 197 11.29 -56.92 22.11
C PRO A 197 10.06 -56.47 21.32
N SER A 198 9.36 -57.43 20.71
CA SER A 198 8.14 -57.15 19.98
C SER A 198 6.95 -56.99 20.92
N SER A 199 5.84 -56.47 20.39
CA SER A 199 4.58 -56.42 21.15
C SER A 199 4.09 -57.84 21.40
N ALA A 200 4.23 -58.69 20.38
CA ALA A 200 3.86 -60.10 20.47
C ALA A 200 4.85 -60.85 21.35
N HIS A 201 4.32 -61.67 22.25
CA HIS A 201 5.15 -62.53 23.09
C HIS A 201 5.94 -63.53 22.24
N GLY A 202 7.20 -63.77 22.64
CA GLY A 202 8.09 -64.71 21.96
C GLY A 202 8.70 -64.18 20.68
N HIS A 203 8.70 -62.85 20.53
CA HIS A 203 9.09 -62.22 19.27
C HIS A 203 10.04 -61.04 19.49
N ARG A 204 10.89 -60.79 18.48
CA ARG A 204 11.78 -59.64 18.49
C ARG A 204 11.65 -58.78 17.23
N GLN A 205 11.93 -57.49 17.37
CA GLN A 205 12.01 -56.59 16.23
C GLN A 205 13.48 -56.22 15.98
N LEU A 206 14.00 -56.62 14.82
CA LEU A 206 15.40 -56.38 14.48
C LEU A 206 15.56 -55.11 13.66
N VAL A 207 16.38 -54.19 14.16
CA VAL A 207 16.58 -52.91 13.51
C VAL A 207 17.94 -52.84 12.82
N CYS A 208 17.92 -52.53 11.53
CA CYS A 208 19.12 -52.22 10.77
C CYS A 208 19.17 -50.71 10.51
N HIS A 209 20.15 -50.03 11.12
CA HIS A 209 20.33 -48.59 10.95
C HIS A 209 21.28 -48.33 9.79
N VAL A 210 20.89 -47.41 8.90
CA VAL A 210 21.71 -47.04 7.75
C VAL A 210 21.83 -45.53 7.71
N SER A 211 23.06 -45.01 7.73
CA SER A 211 23.27 -43.58 7.97
C SER A 211 24.46 -42.99 7.22
N GLY A 212 24.34 -41.71 6.90
CA GLY A 212 25.42 -40.94 6.28
C GLY A 212 25.57 -41.11 4.79
N PHE A 213 24.54 -41.63 4.12
CA PHE A 213 24.60 -41.83 2.68
C PHE A 213 24.07 -40.64 1.86
N TYR A 214 24.60 -40.49 0.64
CA TYR A 214 24.16 -39.49 -0.32
C TYR A 214 24.60 -39.92 -1.72
N PRO A 215 23.70 -39.85 -2.73
CA PRO A 215 22.33 -39.33 -2.77
C PRO A 215 21.28 -40.23 -2.11
N LYS A 216 20.01 -39.80 -2.23
CA LYS A 216 18.88 -40.43 -1.54
C LYS A 216 18.55 -41.89 -1.87
N PRO A 217 18.54 -42.27 -3.17
CA PRO A 217 18.12 -43.65 -3.44
C PRO A 217 18.97 -44.67 -2.70
N VAL A 218 18.30 -45.67 -2.11
CA VAL A 218 18.95 -46.71 -1.34
C VAL A 218 18.06 -47.95 -1.24
N TRP A 219 18.69 -49.11 -1.05
CA TRP A 219 18.00 -50.39 -0.96
C TRP A 219 18.46 -51.10 0.31
N VAL A 220 17.53 -51.30 1.24
CA VAL A 220 17.85 -51.89 2.56
C VAL A 220 16.88 -53.02 2.89
N MET A 221 17.41 -54.24 2.90
CA MET A 221 16.58 -55.44 3.10
C MET A 221 17.22 -56.49 4.00
N TRP A 222 16.39 -57.17 4.78
CA TRP A 222 16.81 -58.30 5.58
C TRP A 222 16.82 -59.57 4.73
N MET A 223 17.88 -60.37 4.85
CA MET A 223 18.05 -61.58 4.04
C MET A 223 18.32 -62.81 4.91
N ARG A 224 17.78 -63.94 4.47
CA ARG A 224 18.29 -65.24 4.89
C ARG A 224 18.93 -65.83 3.64
N GLY A 225 20.25 -65.73 3.56
CA GLY A 225 20.96 -66.13 2.36
C GLY A 225 20.46 -65.34 1.16
N ASP A 226 20.20 -66.04 0.06
CA ASP A 226 19.70 -65.43 -1.17
C ASP A 226 18.31 -64.80 -0.97
N GLN A 227 17.46 -65.49 -0.21
CA GLN A 227 16.07 -65.08 -0.03
C GLN A 227 15.94 -63.73 0.69
N GLU A 228 14.92 -62.97 0.30
CA GLU A 228 14.67 -61.66 0.89
C GLU A 228 13.43 -61.71 1.79
N GLN A 229 13.59 -61.21 3.01
CA GLN A 229 12.55 -61.31 4.02
C GLN A 229 11.48 -60.28 3.72
N GLN A 230 10.31 -60.77 3.30
CA GLN A 230 9.24 -59.89 2.84
C GLN A 230 8.63 -59.02 3.94
N GLY A 231 8.75 -59.46 5.19
CA GLY A 231 8.26 -58.70 6.34
C GLY A 231 9.13 -57.50 6.71
N THR A 232 10.10 -57.18 5.86
CA THR A 232 10.97 -56.01 6.07
C THR A 232 10.18 -54.72 5.94
N HIS A 233 10.26 -53.88 6.96
CA HIS A 233 9.57 -52.60 6.95
C HIS A 233 10.60 -51.49 6.84
N ARG A 234 10.41 -50.60 5.89
CA ARG A 234 11.35 -49.52 5.68
C ARG A 234 10.78 -48.23 6.23
N GLY A 235 11.53 -47.61 7.13
CA GLY A 235 11.10 -46.35 7.75
C GLY A 235 11.23 -45.22 6.76
N ASP A 236 10.92 -44.00 7.19
CA ASP A 236 11.05 -42.85 6.32
C ASP A 236 12.49 -42.39 6.23
N PHE A 237 12.83 -41.68 5.15
CA PHE A 237 14.12 -41.04 5.05
C PHE A 237 14.16 -39.85 6.00
N LEU A 238 15.15 -39.86 6.89
CA LEU A 238 15.32 -38.81 7.89
C LEU A 238 16.65 -38.13 7.66
N PRO A 239 16.69 -36.79 7.79
CA PRO A 239 17.90 -36.07 7.43
C PRO A 239 18.94 -35.99 8.54
N ASN A 240 20.20 -35.96 8.14
CA ASN A 240 21.28 -35.59 9.04
C ASN A 240 21.61 -34.12 8.84
N ALA A 241 22.28 -33.52 9.81
CA ALA A 241 22.62 -32.10 9.75
C ALA A 241 23.75 -31.81 8.76
N ASP A 242 24.45 -32.85 8.31
CA ASP A 242 25.56 -32.67 7.39
C ASP A 242 25.16 -33.02 5.96
N GLU A 243 23.86 -32.88 5.68
CA GLU A 243 23.26 -33.15 4.36
C GLU A 243 23.52 -34.58 3.88
N THR A 244 23.17 -35.53 4.73
CA THR A 244 23.18 -36.95 4.40
C THR A 244 21.89 -37.56 4.94
N TRP A 245 21.60 -38.78 4.51
CA TRP A 245 20.35 -39.41 4.90
C TRP A 245 20.50 -40.57 5.89
N TYR A 246 19.39 -40.85 6.58
CA TYR A 246 19.31 -41.92 7.55
C TYR A 246 18.05 -42.74 7.26
N LEU A 247 18.20 -44.05 7.30
CA LEU A 247 17.07 -44.95 7.08
C LEU A 247 17.23 -46.22 7.92
N GLN A 248 16.11 -46.73 8.43
CA GLN A 248 16.13 -47.98 9.17
C GLN A 248 15.09 -48.99 8.67
N ALA A 249 15.51 -50.25 8.54
CA ALA A 249 14.63 -51.33 8.14
C ALA A 249 14.41 -52.28 9.31
N THR A 250 13.16 -52.52 9.66
CA THR A 250 12.82 -53.36 10.81
C THR A 250 12.04 -54.59 10.39
N LEU A 251 12.62 -55.76 10.68
CA LEU A 251 11.93 -57.03 10.53
C LEU A 251 11.40 -57.48 11.89
N ASP A 252 10.40 -58.37 11.87
CA ASP A 252 9.91 -59.03 13.06
C ASP A 252 10.20 -60.52 12.96
N VAL A 253 10.80 -61.07 14.02
CA VAL A 253 11.19 -62.47 14.05
C VAL A 253 10.75 -63.18 15.33
N GLU A 254 10.63 -64.49 15.24
CA GLU A 254 10.47 -65.34 16.42
C GLU A 254 11.82 -65.39 17.12
N ALA A 255 11.81 -65.32 18.45
CA ALA A 255 13.04 -65.44 19.23
C ALA A 255 13.77 -66.72 18.84
N GLY A 256 15.04 -66.58 18.47
CA GLY A 256 15.85 -67.72 18.04
C GLY A 256 16.03 -67.83 16.54
N GLU A 257 15.30 -67.02 15.78
CA GLU A 257 15.34 -67.07 14.32
C GLU A 257 16.35 -66.06 13.73
N GLU A 258 16.97 -65.27 14.60
CA GLU A 258 17.89 -64.22 14.17
C GLU A 258 19.15 -64.73 13.48
N ALA A 259 19.66 -65.87 13.94
CA ALA A 259 20.87 -66.46 13.36
C ALA A 259 20.63 -66.90 11.93
N GLY A 260 21.54 -66.50 11.05
CA GLY A 260 21.40 -66.76 9.62
C GLY A 260 21.03 -65.51 8.85
N LEU A 261 20.41 -64.55 9.54
CA LEU A 261 19.94 -63.32 8.90
C LEU A 261 21.03 -62.26 8.75
N ALA A 262 20.84 -61.38 7.76
CA ALA A 262 21.76 -60.28 7.50
C ALA A 262 20.99 -59.09 6.94
N CYS A 263 21.38 -57.89 7.37
CA CYS A 263 20.89 -56.67 6.75
C CYS A 263 21.76 -56.35 5.56
N ARG A 264 21.13 -56.18 4.39
CA ARG A 264 21.84 -55.91 3.15
C ARG A 264 21.51 -54.51 2.57
N VAL A 265 22.55 -53.75 2.24
CA VAL A 265 22.38 -52.39 1.74
C VAL A 265 22.98 -52.20 0.35
N LYS A 266 22.20 -51.66 -0.58
CA LYS A 266 22.70 -51.28 -1.89
C LYS A 266 22.63 -49.78 -2.04
N HIS A 267 23.74 -49.19 -2.47
CA HIS A 267 23.82 -47.75 -2.67
C HIS A 267 24.82 -47.47 -3.80
N SER A 268 24.68 -46.30 -4.41
CA SER A 268 25.50 -45.92 -5.56
C SER A 268 26.94 -45.61 -5.18
N SER A 269 27.18 -45.25 -3.93
CA SER A 269 28.51 -44.86 -3.45
C SER A 269 29.41 -46.06 -3.14
N LEU A 270 28.83 -47.26 -3.16
CA LEU A 270 29.55 -48.47 -2.76
C LEU A 270 30.19 -49.22 -3.93
N GLY A 271 30.12 -48.63 -5.13
CA GLY A 271 30.50 -49.35 -6.35
C GLY A 271 29.51 -50.50 -6.50
N GLY A 272 30.04 -51.70 -6.74
CA GLY A 272 29.21 -52.91 -6.77
C GLY A 272 29.30 -53.71 -5.49
N GLN A 273 29.83 -53.10 -4.44
CA GLN A 273 30.06 -53.78 -3.16
C GLN A 273 28.95 -53.54 -2.14
N ASP A 274 27.88 -54.32 -2.22
CA ASP A 274 26.80 -54.24 -1.24
C ASP A 274 27.30 -54.45 0.19
N ILE A 275 26.73 -53.72 1.13
CA ILE A 275 27.00 -53.96 2.55
C ILE A 275 26.10 -55.09 3.06
N ILE A 276 26.71 -56.20 3.41
CA ILE A 276 25.95 -57.29 3.97
C ILE A 276 26.34 -57.33 5.42
N LEU A 277 25.37 -57.09 6.29
CA LEU A 277 25.65 -57.17 7.70
C LEU A 277 24.98 -58.42 8.19
N TYR A 278 25.79 -59.35 8.68
CA TYR A 278 25.24 -60.56 9.29
C TYR A 278 24.88 -60.37 10.76
N TRP A 279 23.70 -60.87 11.14
CA TRP A 279 23.15 -60.63 12.47
C TRP A 279 24.12 -60.92 13.61
N GLY A 280 24.71 -62.10 13.64
CA GLY A 280 25.54 -62.44 14.80
C GLY A 280 27.04 -62.29 14.59
N SER A 281 27.43 -61.38 13.70
CA SER A 281 28.80 -61.26 13.20
C SER A 281 29.82 -60.85 14.25
N LEU A 282 31.10 -61.02 13.91
CA LEU A 282 32.19 -60.53 14.74
C LEU A 282 31.99 -59.07 15.13
N HIS A 283 31.62 -58.25 14.15
CA HIS A 283 31.47 -56.81 14.37
C HIS A 283 30.20 -56.44 15.11
N HIS A 284 29.10 -57.12 14.80
CA HIS A 284 27.85 -56.88 15.52
C HIS A 284 28.05 -57.16 17.01
N ILE A 285 28.71 -58.28 17.32
CA ILE A 285 29.04 -58.65 18.69
C ILE A 285 29.81 -57.52 19.37
N LEU A 286 30.84 -57.01 18.69
CA LEU A 286 31.70 -55.96 19.24
C LEU A 286 31.01 -54.61 19.36
N ASP A 287 30.32 -54.17 18.31
CA ASP A 287 29.56 -52.89 18.34
C ASP A 287 28.48 -52.90 19.42
N ALA A 288 27.85 -54.07 19.61
CA ALA A 288 26.79 -54.22 20.61
C ALA A 288 27.32 -54.01 22.02
N GLN A 289 28.55 -54.44 22.27
CA GLN A 289 29.20 -54.27 23.59
C GLN A 289 29.46 -52.81 23.92
N LYS A 290 29.72 -52.01 22.90
CA LYS A 290 29.96 -50.59 23.06
C LYS A 290 28.65 -49.80 23.19
N MET A 291 27.51 -50.47 23.01
CA MET A 291 26.19 -49.85 22.99
C MET A 291 25.36 -50.07 24.26
N VAL A 292 25.72 -51.09 25.03
CA VAL A 292 24.98 -51.46 26.24
C VAL A 292 24.60 -50.24 27.08
N TRP A 293 23.39 -50.25 27.64
CA TRP A 293 22.90 -49.14 28.45
C TRP A 293 21.83 -49.57 29.47
N ASN A 294 21.55 -48.69 30.43
CA ASN A 294 20.70 -49.02 31.59
C ASN A 294 19.19 -49.07 31.33
N HIS A 295 18.77 -48.67 30.13
CA HIS A 295 17.35 -48.63 29.72
C HIS A 295 16.51 -47.75 30.66
N ILE B 1 -3.74 -25.75 17.42
CA ILE B 1 -2.73 -26.05 16.42
C ILE B 1 -3.36 -26.67 15.18
N GLN B 2 -2.74 -26.44 14.02
CA GLN B 2 -3.24 -26.97 12.76
C GLN B 2 -3.22 -28.50 12.76
N LYS B 3 -2.16 -29.07 13.31
CA LYS B 3 -2.01 -30.52 13.38
C LYS B 3 -1.17 -30.93 14.58
N THR B 4 -0.61 -32.14 14.52
CA THR B 4 0.20 -32.67 15.61
C THR B 4 1.59 -33.10 15.13
N PRO B 5 2.65 -32.67 15.83
CA PRO B 5 4.03 -33.03 15.47
C PRO B 5 4.34 -34.52 15.63
N GLN B 6 5.06 -35.06 14.64
CA GLN B 6 5.71 -36.35 14.79
C GLN B 6 7.16 -36.04 15.16
N ILE B 7 7.72 -36.82 16.08
CA ILE B 7 9.05 -36.59 16.62
C ILE B 7 9.84 -37.88 16.51
N GLN B 8 11.05 -37.78 15.97
CA GLN B 8 11.93 -38.94 15.85
C GLN B 8 13.34 -38.56 16.31
N VAL B 9 13.86 -39.33 17.26
CA VAL B 9 15.16 -39.07 17.87
C VAL B 9 16.15 -40.19 17.54
N TYR B 10 17.33 -39.80 17.06
CA TYR B 10 18.29 -40.74 16.49
C TYR B 10 19.69 -40.13 16.41
N SER B 11 20.72 -40.96 16.39
CA SER B 11 22.10 -40.49 16.35
C SER B 11 22.69 -40.56 14.94
N ARG B 12 23.63 -39.64 14.68
CA ARG B 12 24.28 -39.52 13.38
C ARG B 12 25.17 -40.72 13.06
N HIS B 13 25.93 -41.17 14.06
CA HIS B 13 26.85 -42.31 13.91
C HIS B 13 26.42 -43.45 14.81
N PRO B 14 26.99 -44.67 14.62
CA PRO B 14 26.67 -45.75 15.55
C PRO B 14 27.10 -45.36 16.96
N PRO B 15 26.28 -45.67 17.98
CA PRO B 15 26.57 -45.27 19.35
C PRO B 15 27.68 -46.11 19.97
N GLU B 16 28.71 -45.43 20.46
CA GLU B 16 29.73 -46.08 21.25
C GLU B 16 29.78 -45.30 22.55
N ASN B 17 29.55 -46.00 23.65
CA ASN B 17 29.56 -45.37 24.96
C ASN B 17 30.88 -44.64 25.20
N GLY B 18 30.79 -43.42 25.72
CA GLY B 18 31.96 -42.59 25.97
C GLY B 18 32.64 -42.02 24.74
N LYS B 19 32.01 -42.15 23.57
CA LYS B 19 32.57 -41.57 22.34
C LYS B 19 31.66 -40.51 21.70
N PRO B 20 32.27 -39.37 21.27
CA PRO B 20 31.55 -38.22 20.71
C PRO B 20 30.70 -38.59 19.49
N ASN B 21 29.49 -38.05 19.44
CA ASN B 21 28.51 -38.34 18.39
C ASN B 21 27.57 -37.13 18.20
N ILE B 22 26.66 -37.22 17.23
CA ILE B 22 25.68 -36.16 16.98
C ILE B 22 24.27 -36.72 17.14
N LEU B 23 23.46 -36.09 17.99
CA LEU B 23 22.08 -36.53 18.18
C LEU B 23 21.10 -35.63 17.44
N ASN B 24 20.21 -36.25 16.66
CA ASN B 24 19.21 -35.55 15.86
C ASN B 24 17.82 -35.63 16.46
N CYS B 25 17.06 -34.56 16.27
CA CYS B 25 15.64 -34.55 16.60
C CYS B 25 14.87 -33.99 15.41
N TYR B 26 14.16 -34.86 14.74
CA TYR B 26 13.45 -34.50 13.52
C TYR B 26 11.97 -34.36 13.83
N VAL B 27 11.50 -33.13 13.79
CA VAL B 27 10.10 -32.83 14.04
C VAL B 27 9.39 -32.54 12.72
N THR B 28 8.32 -33.28 12.48
CA THR B 28 7.58 -33.18 11.23
C THR B 28 6.08 -33.03 11.45
N GLN B 29 5.38 -32.75 10.36
CA GLN B 29 3.92 -32.87 10.27
C GLN B 29 3.13 -31.93 11.20
N PHE B 30 3.69 -30.79 11.56
CA PHE B 30 3.01 -29.86 12.45
C PHE B 30 2.51 -28.59 11.76
N HIS B 31 1.29 -28.18 12.13
CA HIS B 31 0.75 -26.90 11.72
C HIS B 31 0.00 -26.27 12.91
N PRO B 32 0.20 -24.97 13.17
CA PRO B 32 1.01 -23.94 12.49
C PRO B 32 2.53 -24.06 12.72
N PRO B 33 3.34 -23.26 11.98
CA PRO B 33 4.80 -23.36 12.03
C PRO B 33 5.47 -22.99 13.36
N HIS B 34 4.79 -22.27 14.24
CA HIS B 34 5.41 -21.95 15.53
C HIS B 34 5.55 -23.19 16.39
N ILE B 35 6.77 -23.41 16.87
CA ILE B 35 7.12 -24.60 17.63
C ILE B 35 8.31 -24.31 18.55
N GLU B 36 8.31 -24.90 19.74
CA GLU B 36 9.44 -24.76 20.66
C GLU B 36 10.07 -26.13 20.85
N ILE B 37 11.37 -26.21 20.54
CA ILE B 37 12.10 -27.46 20.63
C ILE B 37 13.30 -27.28 21.55
N GLN B 38 13.50 -28.25 22.44
CA GLN B 38 14.71 -28.32 23.26
C GLN B 38 15.16 -29.77 23.41
N MET B 39 16.46 -29.95 23.48
CA MET B 39 17.04 -31.28 23.70
C MET B 39 17.60 -31.36 25.12
N LEU B 40 17.36 -32.48 25.79
CA LEU B 40 17.65 -32.62 27.21
C LEU B 40 18.62 -33.76 27.55
N LYS B 41 19.69 -33.41 28.26
CA LYS B 41 20.58 -34.40 28.87
C LYS B 41 20.22 -34.54 30.35
N ASN B 42 19.72 -35.72 30.71
CA ASN B 42 19.25 -36.00 32.07
C ASN B 42 18.22 -34.98 32.58
N GLY B 43 17.23 -34.69 31.74
CA GLY B 43 16.14 -33.78 32.09
C GLY B 43 16.48 -32.30 32.10
N LYS B 44 17.73 -31.96 31.79
CA LYS B 44 18.16 -30.56 31.75
C LYS B 44 18.56 -30.15 30.33
N LYS B 45 18.21 -28.91 29.97
CA LYS B 45 18.42 -28.36 28.64
C LYS B 45 19.88 -28.41 28.20
N ILE B 46 20.14 -28.95 27.01
CA ILE B 46 21.46 -28.88 26.41
C ILE B 46 21.78 -27.42 26.13
N PRO B 47 23.01 -27.02 26.38
CA PRO B 47 23.41 -25.62 26.26
C PRO B 47 23.31 -25.04 24.85
N LYS B 48 23.73 -25.79 23.84
CA LYS B 48 23.78 -25.27 22.48
C LYS B 48 23.17 -26.18 21.41
N VAL B 49 21.84 -26.21 21.33
CA VAL B 49 21.19 -27.00 20.29
C VAL B 49 21.17 -26.14 19.02
N GLU B 50 21.57 -26.75 17.92
CA GLU B 50 21.58 -26.07 16.64
C GLU B 50 20.38 -26.49 15.80
N MET B 51 19.70 -25.51 15.21
CA MET B 51 18.47 -25.73 14.47
C MET B 51 18.70 -25.49 12.98
N SER B 52 18.20 -26.42 12.17
CA SER B 52 18.10 -26.16 10.74
C SER B 52 16.99 -25.14 10.52
N ASP B 53 16.95 -24.54 9.35
CA ASP B 53 15.87 -23.61 9.03
C ASP B 53 14.58 -24.38 8.82
N MET B 54 13.50 -23.84 9.35
CA MET B 54 12.15 -24.34 9.13
C MET B 54 11.86 -24.42 7.64
N SER B 55 11.35 -25.57 7.21
CA SER B 55 10.99 -25.80 5.81
C SER B 55 9.68 -26.58 5.77
N PHE B 56 9.21 -26.91 4.57
CA PHE B 56 8.04 -27.74 4.39
C PHE B 56 8.16 -28.63 3.15
N SER B 57 7.24 -29.57 3.00
CA SER B 57 7.35 -30.57 1.93
C SER B 57 6.20 -30.45 0.93
N LYS B 58 6.15 -31.35 -0.04
CA LYS B 58 5.17 -31.21 -1.11
C LYS B 58 3.75 -31.15 -0.54
N ASP B 59 3.47 -31.94 0.50
CA ASP B 59 2.15 -31.92 1.14
C ASP B 59 1.95 -30.75 2.11
N TRP B 60 2.82 -29.74 2.03
CA TRP B 60 2.70 -28.50 2.80
C TRP B 60 3.01 -28.58 4.32
N SER B 61 3.30 -29.79 4.83
CA SER B 61 3.58 -29.92 6.27
C SER B 61 4.99 -29.46 6.64
N PHE B 62 5.07 -28.67 7.72
CA PHE B 62 6.34 -28.12 8.20
C PHE B 62 7.25 -29.17 8.83
N TYR B 63 8.56 -28.98 8.64
CA TYR B 63 9.53 -29.81 9.33
C TYR B 63 10.77 -29.02 9.72
N ILE B 64 11.50 -29.56 10.69
CA ILE B 64 12.69 -28.90 11.24
C ILE B 64 13.57 -29.92 11.94
N LEU B 65 14.88 -29.71 11.86
CA LEU B 65 15.85 -30.61 12.48
C LEU B 65 16.60 -29.87 13.56
N ALA B 66 16.49 -30.39 14.79
CA ALA B 66 17.36 -29.96 15.87
C ALA B 66 18.45 -31.00 16.01
N HIS B 67 19.66 -30.56 16.33
CA HIS B 67 20.80 -31.47 16.48
C HIS B 67 21.87 -30.89 17.38
N THR B 68 22.59 -31.79 18.06
CA THR B 68 23.59 -31.40 19.02
C THR B 68 24.67 -32.47 19.17
N GLU B 69 25.87 -32.05 19.56
CA GLU B 69 26.93 -33.00 19.82
C GLU B 69 26.71 -33.58 21.21
N PHE B 70 26.67 -34.91 21.29
CA PHE B 70 26.42 -35.58 22.56
C PHE B 70 27.27 -36.84 22.68
N THR B 71 27.56 -37.24 23.91
CA THR B 71 28.30 -38.48 24.13
C THR B 71 27.39 -39.50 24.80
N PRO B 72 27.18 -40.62 24.13
CA PRO B 72 26.36 -41.71 24.69
C PRO B 72 27.09 -42.40 25.83
N THR B 73 26.35 -42.76 26.88
CA THR B 73 26.94 -43.56 27.95
C THR B 73 25.91 -44.58 28.38
N GLU B 74 26.23 -45.33 29.43
CA GLU B 74 25.33 -46.35 29.97
C GLU B 74 24.13 -45.75 30.69
N THR B 75 24.32 -44.61 31.34
CA THR B 75 23.29 -44.05 32.25
C THR B 75 22.79 -42.64 31.93
N ASP B 76 23.48 -41.92 31.05
CA ASP B 76 23.03 -40.59 30.66
C ASP B 76 21.84 -40.70 29.72
N THR B 77 20.73 -40.06 30.09
CA THR B 77 19.50 -40.06 29.29
C THR B 77 19.48 -38.85 28.36
N TYR B 78 18.90 -39.05 27.18
CA TYR B 78 18.72 -37.96 26.21
C TYR B 78 17.30 -37.88 25.68
N ALA B 79 16.78 -36.65 25.60
CA ALA B 79 15.39 -36.42 25.20
C ALA B 79 15.22 -35.19 24.30
N CYS B 80 14.12 -35.18 23.55
CA CYS B 80 13.72 -34.02 22.77
C CYS B 80 12.32 -33.60 23.19
N ARG B 81 12.20 -32.41 23.76
CA ARG B 81 10.91 -31.90 24.21
C ARG B 81 10.33 -30.88 23.23
N VAL B 82 9.11 -31.14 22.80
CA VAL B 82 8.44 -30.29 21.83
C VAL B 82 7.24 -29.55 22.43
N LYS B 83 7.21 -28.24 22.26
CA LYS B 83 6.06 -27.45 22.69
C LYS B 83 5.33 -26.96 21.46
N HIS B 84 4.05 -27.33 21.36
CA HIS B 84 3.24 -26.94 20.22
C HIS B 84 1.82 -26.62 20.66
N ALA B 85 1.15 -25.78 19.89
CA ALA B 85 -0.25 -25.44 20.18
C ALA B 85 -1.25 -26.60 20.02
N SER B 86 -0.92 -27.58 19.17
CA SER B 86 -1.78 -28.75 19.00
C SER B 86 -1.72 -29.71 20.19
N MET B 87 -0.86 -29.38 21.15
CA MET B 87 -0.70 -30.19 22.35
C MET B 87 -0.87 -29.32 23.59
N ALA B 88 -1.81 -29.71 24.45
CA ALA B 88 -2.04 -29.03 25.73
C ALA B 88 -0.79 -29.10 26.61
N GLU B 89 -0.18 -30.27 26.65
CA GLU B 89 1.05 -30.49 27.41
C GLU B 89 2.24 -30.73 26.47
N PRO B 90 3.44 -30.22 26.84
CA PRO B 90 4.62 -30.48 26.02
C PRO B 90 4.84 -31.98 25.83
N LYS B 91 5.49 -32.37 24.74
CA LYS B 91 5.73 -33.77 24.46
C LYS B 91 7.23 -34.09 24.47
N THR B 92 7.61 -35.02 25.33
CA THR B 92 9.01 -35.39 25.48
C THR B 92 9.23 -36.80 24.94
N VAL B 93 10.19 -36.92 24.02
CA VAL B 93 10.56 -38.19 23.44
C VAL B 93 12.00 -38.53 23.81
N TYR B 94 12.17 -39.68 24.44
CA TYR B 94 13.49 -40.15 24.87
C TYR B 94 14.20 -40.88 23.76
N TRP B 95 15.50 -40.64 23.65
CA TRP B 95 16.35 -41.38 22.73
C TRP B 95 16.55 -42.80 23.23
N ASP B 96 16.25 -43.75 22.35
CA ASP B 96 16.40 -45.17 22.61
C ASP B 96 17.16 -45.75 21.42
N ARG B 97 18.43 -46.07 21.64
CA ARG B 97 19.37 -46.46 20.58
C ARG B 97 19.07 -47.79 19.90
N ASP B 98 18.21 -48.59 20.53
CA ASP B 98 17.90 -49.94 20.05
C ASP B 98 16.78 -49.95 19.04
N MET B 99 15.91 -48.94 19.08
CA MET B 99 14.77 -48.87 18.15
C MET B 99 14.89 -47.69 17.20
N THR C 1 7.60 15.20 2.09
CA THR C 1 7.07 13.80 2.13
C THR C 1 7.86 12.89 1.19
N GLN C 2 7.17 11.98 0.50
CA GLN C 2 7.78 11.11 -0.50
C GLN C 2 7.49 11.57 -1.92
N VAL C 3 6.75 12.68 -2.04
CA VAL C 3 6.44 13.31 -3.31
C VAL C 3 6.73 14.81 -3.23
N GLU C 4 7.72 15.25 -4.01
CA GLU C 4 8.10 16.66 -4.06
C GLU C 4 7.69 17.29 -5.40
N GLN C 5 6.93 18.38 -5.32
CA GLN C 5 6.55 19.15 -6.51
C GLN C 5 7.28 20.48 -6.54
N SER C 6 7.70 20.89 -7.74
CA SER C 6 8.47 22.12 -7.90
C SER C 6 8.15 22.89 -9.19
N PRO C 7 8.13 24.24 -9.13
CA PRO C 7 8.29 25.03 -7.91
C PRO C 7 7.00 25.07 -7.09
N GLN C 8 7.02 25.82 -5.99
CA GLN C 8 5.84 25.94 -5.12
C GLN C 8 4.77 26.75 -5.83
N SER C 9 5.21 27.82 -6.50
CA SER C 9 4.32 28.67 -7.27
C SER C 9 4.96 29.02 -8.61
N LEU C 10 4.13 29.09 -9.66
CA LEU C 10 4.59 29.42 -11.00
C LEU C 10 3.77 30.53 -11.62
N VAL C 11 4.48 31.49 -12.21
CA VAL C 11 3.85 32.61 -12.91
C VAL C 11 4.14 32.50 -14.41
N VAL C 12 3.07 32.53 -15.21
CA VAL C 12 3.21 32.50 -16.65
C VAL C 12 2.30 33.54 -17.31
N ARG C 13 2.76 34.10 -18.42
CA ARG C 13 1.94 34.97 -19.24
C ARG C 13 0.91 34.13 -19.98
N GLN C 14 -0.29 34.67 -20.13
CA GLN C 14 -1.32 34.00 -20.90
C GLN C 14 -0.83 33.74 -22.32
N GLY C 15 -1.14 32.57 -22.86
CA GLY C 15 -0.73 32.18 -24.20
C GLY C 15 0.56 31.37 -24.26
N GLU C 16 1.44 31.59 -23.28
CA GLU C 16 2.71 30.84 -23.18
C GLU C 16 2.50 29.37 -22.77
N ASN C 17 3.61 28.67 -22.59
CA ASN C 17 3.58 27.29 -22.08
C ASN C 17 4.16 27.26 -20.68
N SER C 18 3.59 26.40 -19.83
CA SER C 18 4.07 26.23 -18.46
C SER C 18 4.53 24.80 -18.19
N VAL C 19 5.55 24.67 -17.34
CA VAL C 19 6.09 23.35 -16.97
C VAL C 19 6.03 23.13 -15.46
N LEU C 20 5.52 21.97 -15.06
CA LEU C 20 5.43 21.61 -13.64
C LEU C 20 6.21 20.32 -13.36
N GLN C 21 7.03 20.35 -12.31
CA GLN C 21 7.83 19.16 -11.95
C GLN C 21 7.26 18.35 -10.80
N CYS C 22 7.57 17.05 -10.81
CA CYS C 22 7.22 16.16 -9.73
C CYS C 22 8.33 15.14 -9.55
N ASN C 23 8.88 15.11 -8.35
CA ASN C 23 9.88 14.12 -7.96
C ASN C 23 9.38 13.28 -6.78
N TYR C 24 9.73 12.00 -6.78
CA TYR C 24 9.22 11.10 -5.76
C TYR C 24 10.22 10.00 -5.38
N SER C 25 9.95 9.37 -4.24
CA SER C 25 10.79 8.31 -3.71
C SER C 25 9.98 7.07 -3.37
N VAL C 26 8.67 7.14 -3.58
CA VAL C 26 7.76 6.04 -3.22
C VAL C 26 8.07 4.78 -4.03
N THR C 27 7.83 3.63 -3.41
CA THR C 27 8.13 2.33 -4.00
C THR C 27 7.20 1.25 -3.44
N PRO C 28 6.70 0.35 -4.30
CA PRO C 28 6.86 0.37 -5.77
C PRO C 28 6.06 1.53 -6.38
N ASP C 29 6.39 1.90 -7.61
CA ASP C 29 5.76 3.04 -8.25
C ASP C 29 4.88 2.62 -9.43
N ASN C 30 3.75 2.02 -9.11
CA ASN C 30 2.88 1.49 -10.15
C ASN C 30 2.43 2.51 -11.21
N HIS C 31 1.98 3.69 -10.76
CA HIS C 31 1.48 4.72 -11.66
C HIS C 31 1.57 6.11 -11.05
N LEU C 32 1.77 7.11 -11.91
CA LEU C 32 1.76 8.50 -11.48
C LEU C 32 0.64 9.24 -12.22
N ARG C 33 -0.06 10.13 -11.53
CA ARG C 33 -1.17 10.87 -12.12
C ARG C 33 -1.21 12.34 -11.70
N TRP C 34 -1.89 13.17 -12.50
CA TRP C 34 -1.95 14.62 -12.26
C TRP C 34 -3.38 15.12 -12.06
N PHE C 35 -3.57 15.95 -11.03
CA PHE C 35 -4.88 16.50 -10.72
C PHE C 35 -4.94 18.02 -10.81
N LYS C 36 -6.08 18.52 -11.27
CA LYS C 36 -6.38 19.95 -11.24
C LYS C 36 -7.39 20.23 -10.13
N GLN C 37 -7.05 21.18 -9.27
CA GLN C 37 -7.95 21.62 -8.20
C GLN C 37 -8.21 23.13 -8.27
N ASP C 38 -9.40 23.51 -8.72
CA ASP C 38 -9.85 24.90 -8.66
C ASP C 38 -10.08 25.32 -7.21
N THR C 39 -9.94 26.62 -6.94
CA THR C 39 -10.17 27.17 -5.61
C THR C 39 -11.58 26.84 -5.13
N GLY C 40 -11.67 26.29 -3.93
CA GLY C 40 -12.94 25.91 -3.31
C GLY C 40 -13.64 24.77 -4.01
N LYS C 41 -12.85 23.82 -4.54
CA LYS C 41 -13.39 22.68 -5.29
C LYS C 41 -12.53 21.41 -5.15
N GLY C 42 -12.97 20.33 -5.79
CA GLY C 42 -12.31 19.04 -5.65
C GLY C 42 -11.16 18.81 -6.61
N LEU C 43 -10.73 17.56 -6.72
CA LEU C 43 -9.64 17.19 -7.60
C LEU C 43 -10.17 16.61 -8.91
N VAL C 44 -9.71 17.19 -10.02
CA VAL C 44 -10.10 16.75 -11.36
C VAL C 44 -8.93 16.03 -12.02
N SER C 45 -9.19 14.85 -12.57
CA SER C 45 -8.12 14.08 -13.20
C SER C 45 -7.72 14.65 -14.57
N LEU C 46 -6.43 14.90 -14.72
CA LEU C 46 -5.89 15.41 -15.98
C LEU C 46 -5.39 14.28 -16.85
N THR C 47 -4.43 13.52 -16.32
CA THR C 47 -3.82 12.42 -17.07
C THR C 47 -3.18 11.40 -16.11
N VAL C 48 -3.12 10.15 -16.57
CA VAL C 48 -2.57 9.03 -15.79
C VAL C 48 -1.44 8.35 -16.57
N LEU C 49 -0.30 8.18 -15.92
CA LEU C 49 0.90 7.60 -16.52
C LEU C 49 1.25 6.28 -15.84
N VAL C 50 1.48 5.24 -16.63
CA VAL C 50 1.66 3.88 -16.08
C VAL C 50 2.99 3.21 -16.44
N ASP C 51 3.48 3.46 -17.65
CA ASP C 51 4.67 2.76 -18.16
C ASP C 51 5.98 3.32 -17.62
N GLN C 52 7.06 2.58 -17.86
CA GLN C 52 8.40 2.95 -17.38
C GLN C 52 8.87 4.28 -17.99
N LYS C 53 8.71 4.38 -19.31
CA LYS C 53 8.82 5.65 -20.02
C LYS C 53 7.48 5.82 -20.69
N ASP C 54 6.74 6.86 -20.30
CA ASP C 54 5.38 7.06 -20.77
C ASP C 54 5.12 8.51 -21.12
N LYS C 55 4.22 8.71 -22.06
CA LYS C 55 3.79 10.02 -22.46
C LYS C 55 2.28 9.97 -22.64
N THR C 56 1.58 10.91 -22.01
CA THR C 56 0.13 11.00 -22.14
C THR C 56 -0.27 12.44 -22.45
N SER C 57 -1.48 12.60 -22.96
CA SER C 57 -1.99 13.93 -23.28
C SER C 57 -3.50 13.93 -23.24
N ASN C 58 -4.03 15.06 -22.80
CA ASN C 58 -5.45 15.28 -22.66
C ASN C 58 -5.72 16.75 -23.00
N GLY C 59 -6.33 16.98 -24.16
CA GLY C 59 -6.45 18.33 -24.69
C GLY C 59 -5.10 19.04 -24.66
N ARG C 60 -5.03 20.13 -23.90
CA ARG C 60 -3.82 20.95 -23.81
C ARG C 60 -2.86 20.50 -22.72
N TYR C 61 -3.22 19.44 -22.01
CA TYR C 61 -2.34 18.85 -21.01
C TYR C 61 -1.58 17.68 -21.63
N SER C 62 -0.29 17.63 -21.37
CA SER C 62 0.49 16.47 -21.69
C SER C 62 1.46 16.23 -20.55
N ALA C 63 1.89 14.99 -20.39
CA ALA C 63 2.85 14.66 -19.34
C ALA C 63 3.79 13.55 -19.80
N THR C 64 4.96 13.54 -19.21
CA THR C 64 5.95 12.49 -19.39
C THR C 64 6.29 11.90 -18.02
N LEU C 65 6.64 10.63 -17.99
CA LEU C 65 7.11 10.01 -16.76
C LEU C 65 8.44 9.31 -16.97
N ASP C 66 9.37 9.54 -16.05
CA ASP C 66 10.57 8.72 -16.00
C ASP C 66 10.52 7.87 -14.74
N LYS C 67 10.35 6.56 -14.93
CA LYS C 67 10.38 5.62 -13.81
C LYS C 67 11.77 5.57 -13.21
N ASP C 68 12.76 5.61 -14.10
CA ASP C 68 14.17 5.41 -13.75
C ASP C 68 14.71 6.56 -12.90
N ALA C 69 14.28 7.78 -13.23
CA ALA C 69 14.70 8.97 -12.49
C ALA C 69 13.69 9.34 -11.42
N LYS C 70 12.58 8.59 -11.38
CA LYS C 70 11.47 8.88 -10.48
C LYS C 70 11.07 10.35 -10.60
N HIS C 71 10.80 10.73 -11.85
CA HIS C 71 10.56 12.12 -12.22
C HIS C 71 9.38 12.22 -13.19
N SER C 72 8.58 13.26 -13.05
CA SER C 72 7.47 13.52 -13.97
C SER C 72 7.28 15.01 -14.24
N THR C 73 6.86 15.32 -15.45
CA THR C 73 6.66 16.71 -15.85
C THR C 73 5.28 16.88 -16.48
N LEU C 74 4.55 17.89 -16.02
CA LEU C 74 3.30 18.27 -16.66
C LEU C 74 3.51 19.53 -17.49
N HIS C 75 2.94 19.54 -18.70
CA HIS C 75 3.03 20.66 -19.61
C HIS C 75 1.64 21.17 -19.88
N ILE C 76 1.46 22.48 -19.85
CA ILE C 76 0.22 23.10 -20.34
C ILE C 76 0.57 23.99 -21.54
N THR C 77 -0.03 23.67 -22.70
CA THR C 77 0.21 24.41 -23.94
C THR C 77 -0.82 25.52 -24.08
N ALA C 78 -0.34 26.69 -24.52
CA ALA C 78 -1.19 27.86 -24.76
C ALA C 78 -2.06 28.15 -23.54
N THR C 79 -1.42 28.50 -22.43
CA THR C 79 -2.09 28.65 -21.15
C THR C 79 -3.22 29.67 -21.21
N LEU C 80 -4.36 29.32 -20.63
CA LEU C 80 -5.49 30.23 -20.51
C LEU C 80 -5.63 30.71 -19.07
N LEU C 81 -6.53 31.66 -18.85
CA LEU C 81 -6.84 32.15 -17.50
C LEU C 81 -7.45 31.06 -16.62
N ASP C 82 -8.25 30.19 -17.24
CA ASP C 82 -8.90 29.04 -16.59
C ASP C 82 -7.91 28.06 -15.92
N ASP C 83 -6.65 28.11 -16.33
CA ASP C 83 -5.63 27.21 -15.83
C ASP C 83 -5.09 27.59 -14.45
N THR C 84 -5.75 28.53 -13.79
CA THR C 84 -5.29 29.07 -12.51
C THR C 84 -5.15 28.05 -11.38
N ALA C 85 -6.06 27.08 -11.32
CA ALA C 85 -6.15 26.15 -10.18
C ALA C 85 -4.92 25.29 -9.93
N THR C 86 -4.68 24.98 -8.66
CA THR C 86 -3.48 24.27 -8.19
C THR C 86 -3.35 22.85 -8.73
N TYR C 87 -2.12 22.41 -8.92
CA TYR C 87 -1.83 21.19 -9.65
C TYR C 87 -1.10 20.16 -8.79
N ILE C 88 -1.73 19.00 -8.63
CA ILE C 88 -1.28 18.00 -7.66
C ILE C 88 -0.78 16.74 -8.34
N CYS C 89 0.41 16.31 -7.93
CA CYS C 89 1.02 15.09 -8.42
C CYS C 89 0.86 13.94 -7.42
N VAL C 90 0.34 12.82 -7.91
CA VAL C 90 0.02 11.65 -7.09
C VAL C 90 0.64 10.37 -7.63
N VAL C 91 1.30 9.62 -6.75
CA VAL C 91 1.84 8.30 -7.10
C VAL C 91 1.08 7.18 -6.35
N GLY C 92 0.79 6.10 -7.06
CA GLY C 92 0.13 4.93 -6.48
C GLY C 92 1.10 3.75 -6.40
N ASP C 93 1.19 3.14 -5.22
CA ASP C 93 2.20 2.10 -4.99
C ASP C 93 1.79 0.67 -5.36
N ARG C 94 0.58 0.48 -5.86
CA ARG C 94 0.16 -0.84 -6.33
C ARG C 94 -0.67 -0.74 -7.61
N GLY C 95 -0.61 -1.80 -8.42
CA GLY C 95 -1.51 -1.96 -9.56
C GLY C 95 -2.85 -2.55 -9.18
N SER C 96 -3.07 -2.74 -7.87
CA SER C 96 -4.33 -3.28 -7.37
C SER C 96 -4.96 -2.28 -6.41
N ALA C 97 -6.26 -2.42 -6.19
CA ALA C 97 -6.98 -1.59 -5.23
C ALA C 97 -6.51 -1.75 -3.77
N LEU C 98 -5.54 -2.62 -3.54
CA LEU C 98 -4.91 -2.75 -2.23
C LEU C 98 -3.90 -1.63 -1.99
N GLY C 99 -3.61 -0.85 -3.03
CA GLY C 99 -2.59 0.19 -2.98
C GLY C 99 -2.94 1.43 -2.19
N ARG C 100 -1.97 2.34 -2.10
CA ARG C 100 -2.21 3.65 -1.49
C ARG C 100 -1.65 4.77 -2.36
N LEU C 101 -2.37 5.89 -2.35
CA LEU C 101 -1.98 7.07 -3.11
C LEU C 101 -1.15 8.01 -2.24
N HIS C 102 -0.04 8.48 -2.79
CA HIS C 102 0.86 9.40 -2.09
C HIS C 102 0.80 10.77 -2.75
N PHE C 103 0.28 11.74 -2.02
CA PHE C 103 -0.06 13.05 -2.57
C PHE C 103 1.06 14.06 -2.39
N GLY C 104 1.35 14.80 -3.46
CA GLY C 104 2.26 15.95 -3.37
C GLY C 104 1.49 17.15 -2.87
N ALA C 105 2.23 18.13 -2.32
CA ALA C 105 1.64 19.35 -1.76
C ALA C 105 1.12 20.33 -2.84
N GLY C 106 1.55 20.11 -4.09
CA GLY C 106 0.98 20.85 -5.21
C GLY C 106 1.72 22.10 -5.67
N THR C 107 1.36 22.58 -6.85
CA THR C 107 1.91 23.81 -7.42
C THR C 107 0.78 24.74 -7.82
N GLN C 108 0.79 25.96 -7.29
CA GLN C 108 -0.15 26.99 -7.73
C GLN C 108 0.36 27.66 -8.99
N LEU C 109 -0.45 27.64 -10.04
CA LEU C 109 -0.13 28.32 -11.28
C LEU C 109 -0.88 29.65 -11.34
N ILE C 110 -0.15 30.73 -11.59
CA ILE C 110 -0.76 32.05 -11.73
C ILE C 110 -0.59 32.53 -13.17
N VAL C 111 -1.72 32.70 -13.86
CA VAL C 111 -1.69 33.08 -15.26
C VAL C 111 -1.99 34.57 -15.44
N ILE C 112 -0.94 35.33 -15.76
CA ILE C 112 -1.03 36.77 -16.01
C ILE C 112 -1.62 37.03 -17.40
N PRO C 113 -2.65 37.88 -17.48
CA PRO C 113 -3.24 38.25 -18.78
C PRO C 113 -2.33 39.18 -19.58
N ASP C 114 -2.29 39.01 -20.89
CA ASP C 114 -1.55 39.90 -21.77
C ASP C 114 -2.42 41.10 -22.11
N ILE C 115 -2.12 42.23 -21.47
CA ILE C 115 -2.85 43.48 -21.69
C ILE C 115 -2.24 44.19 -22.91
N GLN C 116 -2.95 44.13 -24.04
CA GLN C 116 -2.42 44.64 -25.31
C GLN C 116 -2.50 46.16 -25.42
N ASN C 117 -3.63 46.72 -24.99
CA ASN C 117 -3.85 48.17 -25.04
C ASN C 117 -4.25 48.74 -23.66
N PRO C 118 -3.25 49.06 -22.82
CA PRO C 118 -3.52 49.61 -21.49
C PRO C 118 -4.04 51.05 -21.53
N ASP C 119 -5.10 51.31 -20.76
CA ASP C 119 -5.73 52.62 -20.72
C ASP C 119 -6.06 52.98 -19.26
N PRO C 120 -5.02 53.15 -18.40
CA PRO C 120 -5.21 53.32 -16.96
C PRO C 120 -6.16 54.47 -16.63
N ALA C 121 -7.21 54.16 -15.86
CA ALA C 121 -8.25 55.14 -15.53
C ALA C 121 -9.05 54.74 -14.30
N VAL C 122 -9.36 55.73 -13.46
CA VAL C 122 -10.16 55.51 -12.26
C VAL C 122 -11.58 56.07 -12.42
N TYR C 123 -12.57 55.27 -12.03
CA TYR C 123 -13.98 55.62 -12.21
C TYR C 123 -14.74 55.70 -10.89
N GLN C 124 -15.76 56.54 -10.85
CA GLN C 124 -16.48 56.83 -9.60
C GLN C 124 -17.94 56.33 -9.57
N LEU C 125 -18.28 55.65 -8.47
CA LEU C 125 -19.61 55.15 -8.21
C LEU C 125 -19.98 55.64 -6.83
N ARG C 126 -21.21 56.09 -6.59
CA ARG C 126 -22.33 55.92 -7.50
C ARG C 126 -22.46 54.48 -7.80
N ASP C 127 -22.51 53.66 -6.76
CA ASP C 127 -23.03 53.98 -5.43
C ASP C 127 -24.51 53.77 -5.41
N SER C 128 -24.98 53.23 -6.50
CA SER C 128 -26.29 52.57 -6.50
C SER C 128 -26.35 51.47 -5.44
N LYS C 129 -27.55 51.23 -4.92
CA LYS C 129 -28.71 52.00 -5.31
C LYS C 129 -29.36 52.69 -4.11
N SER C 130 -29.60 53.98 -4.24
CA SER C 130 -30.30 54.74 -3.21
C SER C 130 -29.40 55.15 -2.04
N SER C 131 -28.11 54.90 -2.13
CA SER C 131 -27.21 55.30 -1.07
C SER C 131 -26.12 56.17 -1.67
N ASP C 132 -25.87 57.34 -1.11
CA ASP C 132 -24.81 58.19 -1.66
C ASP C 132 -24.61 59.46 -0.84
N CYS C 136 -13.72 53.26 -5.27
CA CYS C 136 -14.01 53.48 -6.69
C CYS C 136 -13.04 52.74 -7.61
N LEU C 137 -13.53 52.38 -8.79
CA LEU C 137 -12.84 51.47 -9.71
C LEU C 137 -11.58 52.04 -10.36
N PHE C 138 -10.45 51.38 -10.13
CA PHE C 138 -9.22 51.63 -10.87
C PHE C 138 -9.03 50.45 -11.83
N THR C 139 -8.88 50.75 -13.12
CA THR C 139 -8.94 49.70 -14.14
C THR C 139 -7.97 49.90 -15.32
N ASP C 140 -7.95 48.90 -16.21
CA ASP C 140 -7.25 48.94 -17.51
C ASP C 140 -5.74 49.09 -17.47
N PHE C 141 -5.13 48.79 -16.33
CA PHE C 141 -3.67 48.80 -16.20
C PHE C 141 -3.05 47.51 -16.74
N ASP C 142 -1.72 47.49 -16.88
CA ASP C 142 -1.01 46.33 -17.41
C ASP C 142 -0.50 45.38 -16.31
N SER C 143 0.30 44.40 -16.72
CA SER C 143 0.79 43.36 -15.83
C SER C 143 1.79 43.82 -14.77
N GLN C 144 2.71 44.72 -15.16
CA GLN C 144 3.74 45.22 -14.24
C GLN C 144 3.19 45.88 -12.99
N THR C 145 2.02 46.51 -13.12
CA THR C 145 1.40 47.23 -12.02
C THR C 145 0.76 46.30 -11.00
N ASN C 146 1.20 46.40 -9.75
CA ASN C 146 0.63 45.63 -8.66
C ASN C 146 0.08 46.53 -7.54
N VAL C 147 -1.18 46.29 -7.16
CA VAL C 147 -1.89 47.10 -6.18
C VAL C 147 -1.49 46.71 -4.75
N SER C 148 -1.29 47.72 -3.90
CA SER C 148 -0.98 47.50 -2.49
C SER C 148 -2.09 48.02 -1.58
N GLN C 149 -2.36 47.27 -0.51
CA GLN C 149 -3.44 47.59 0.41
C GLN C 149 -3.09 48.77 1.33
N SER C 150 -4.12 49.50 1.75
CA SER C 150 -3.98 50.70 2.57
C SER C 150 -3.48 50.43 3.98
N LYS C 151 -2.51 51.22 4.41
CA LYS C 151 -1.96 51.11 5.76
C LYS C 151 -3.05 51.48 6.76
N ASP C 152 -3.80 52.52 6.40
CA ASP C 152 -4.88 53.02 7.24
C ASP C 152 -6.02 52.02 7.36
N SER C 153 -6.63 51.98 8.54
CA SER C 153 -7.80 51.16 8.78
C SER C 153 -8.95 51.63 7.89
N ASP C 154 -9.01 52.95 7.69
CA ASP C 154 -10.15 53.59 7.07
C ASP C 154 -10.50 53.14 5.64
N VAL C 155 -9.51 52.94 4.77
CA VAL C 155 -9.88 52.54 3.42
C VAL C 155 -9.48 51.12 3.08
N TYR C 156 -10.43 50.38 2.53
CA TYR C 156 -10.22 49.00 2.06
C TYR C 156 -9.98 48.95 0.56
N ILE C 157 -8.88 48.31 0.16
CA ILE C 157 -8.54 48.16 -1.26
C ILE C 157 -8.36 46.69 -1.64
N THR C 158 -9.12 46.25 -2.64
CA THR C 158 -9.06 44.88 -3.12
C THR C 158 -7.90 44.68 -4.08
N ASP C 159 -7.26 43.51 -4.00
CA ASP C 159 -6.19 43.14 -4.92
C ASP C 159 -6.69 43.05 -6.36
N LYS C 160 -5.78 43.20 -7.31
CA LYS C 160 -6.10 43.19 -8.74
C LYS C 160 -6.67 41.85 -9.20
N CYS C 161 -7.60 41.92 -10.15
CA CYS C 161 -8.24 40.73 -10.71
C CYS C 161 -8.60 40.93 -12.18
N VAL C 162 -8.65 39.82 -12.91
CA VAL C 162 -8.83 39.84 -14.36
C VAL C 162 -10.22 39.36 -14.79
N LEU C 163 -10.95 40.23 -15.49
CA LEU C 163 -12.17 39.81 -16.17
C LEU C 163 -11.87 39.58 -17.65
N ASP C 164 -12.67 38.71 -18.28
CA ASP C 164 -12.48 38.35 -19.67
C ASP C 164 -13.77 38.55 -20.44
N MET C 165 -13.77 39.55 -21.31
CA MET C 165 -14.87 39.77 -22.24
C MET C 165 -14.65 38.88 -23.46
N ARG C 166 -15.13 37.64 -23.37
CA ARG C 166 -14.93 36.62 -24.38
C ARG C 166 -15.55 36.94 -25.75
N SER C 167 -16.78 37.44 -25.74
CA SER C 167 -17.45 37.72 -27.01
C SER C 167 -16.65 38.78 -27.73
N MET C 168 -16.22 39.79 -26.98
CA MET C 168 -15.21 40.73 -27.44
C MET C 168 -13.86 40.08 -27.25
N ASP C 169 -12.89 40.40 -28.11
CA ASP C 169 -11.54 39.89 -27.93
C ASP C 169 -10.84 40.82 -26.95
N PHE C 170 -11.21 40.71 -25.68
CA PHE C 170 -10.72 41.65 -24.68
C PHE C 170 -10.51 41.05 -23.29
N LYS C 171 -9.62 41.69 -22.54
CA LYS C 171 -9.34 41.38 -21.16
C LYS C 171 -8.79 42.61 -20.47
N SER C 172 -9.00 42.72 -19.18
CA SER C 172 -8.56 43.88 -18.40
C SER C 172 -8.45 43.59 -16.91
N ASN C 173 -7.53 44.28 -16.26
CA ASN C 173 -7.39 44.22 -14.80
C ASN C 173 -8.25 45.29 -14.15
N SER C 174 -8.51 45.13 -12.85
CA SER C 174 -9.27 46.11 -12.07
C SER C 174 -9.13 45.92 -10.56
N ALA C 175 -9.11 47.03 -9.84
CA ALA C 175 -9.10 47.02 -8.38
C ALA C 175 -10.12 48.01 -7.82
N VAL C 176 -10.72 47.67 -6.68
CA VAL C 176 -11.77 48.49 -6.06
C VAL C 176 -11.37 48.95 -4.66
N ALA C 177 -11.72 50.19 -4.33
CA ALA C 177 -11.48 50.77 -3.01
C ALA C 177 -12.70 51.50 -2.48
N TRP C 178 -12.85 51.54 -1.16
CA TRP C 178 -13.96 52.23 -0.50
C TRP C 178 -13.67 52.51 0.98
N SER C 179 -14.35 53.51 1.54
CA SER C 179 -14.27 53.82 2.96
C SER C 179 -15.62 54.30 3.51
N ALA C 185 -12.77 60.65 -1.51
CA ALA C 185 -11.35 60.75 -1.81
C ALA C 185 -10.93 59.74 -2.89
N CYS C 186 -11.59 59.85 -4.04
CA CYS C 186 -11.35 58.94 -5.18
C CYS C 186 -10.00 59.22 -5.86
N ALA C 187 -9.66 60.50 -5.97
CA ALA C 187 -8.41 60.94 -6.60
C ALA C 187 -7.15 60.43 -5.91
N ASN C 188 -7.25 60.22 -4.59
CA ASN C 188 -6.15 59.65 -3.81
C ASN C 188 -6.61 58.38 -3.10
N ALA C 189 -6.27 57.25 -3.69
CA ALA C 189 -6.38 55.95 -3.04
C ALA C 189 -5.24 55.04 -3.50
N PHE C 190 -4.81 54.14 -2.62
CA PHE C 190 -3.86 53.09 -2.99
C PHE C 190 -2.55 53.55 -3.64
N ASN C 191 -1.92 54.59 -3.09
CA ASN C 191 -0.65 55.08 -3.66
C ASN C 191 0.42 53.98 -3.60
N ASN C 192 0.47 53.27 -2.48
CA ASN C 192 1.23 52.02 -2.36
C ASN C 192 0.76 51.93 -0.90
N ILE C 195 2.57 53.90 -8.56
CA ILE C 195 1.57 53.86 -9.63
C ILE C 195 2.09 54.57 -10.88
N PRO C 196 1.31 54.49 -11.96
CA PRO C 196 1.69 55.12 -13.23
C PRO C 196 1.03 56.48 -13.41
N GLU C 197 1.75 57.43 -13.98
CA GLU C 197 1.22 58.78 -14.22
C GLU C 197 0.23 58.89 -15.36
N ASP C 198 0.18 57.88 -16.20
CA ASP C 198 -0.59 57.96 -17.40
C ASP C 198 -2.09 58.00 -17.09
N THR C 199 -2.43 57.79 -15.83
CA THR C 199 -3.80 57.66 -15.37
C THR C 199 -4.81 58.81 -15.53
N PHE C 200 -6.03 58.43 -15.90
CA PHE C 200 -7.14 59.34 -16.14
C PHE C 200 -7.61 60.06 -14.89
N PHE C 201 -8.64 60.88 -15.07
CA PHE C 201 -9.50 61.31 -13.96
C PHE C 201 -10.68 62.12 -14.46
N GLY D 3 -20.34 6.80 -14.52
CA GLY D 3 -21.61 7.42 -15.02
C GLY D 3 -22.47 8.01 -13.92
N GLY D 4 -21.89 8.95 -13.17
CA GLY D 4 -22.59 9.61 -12.09
C GLY D 4 -21.71 10.61 -11.37
N ILE D 5 -21.75 10.75 -10.07
CA ILE D 5 -21.15 11.75 -9.20
C ILE D 5 -20.96 11.25 -7.77
N ILE D 6 -20.04 11.97 -7.28
CA ILE D 6 -19.78 11.80 -5.87
C ILE D 6 -20.00 13.17 -5.21
N THR D 7 -20.93 13.22 -4.26
CA THR D 7 -21.32 14.48 -3.64
C THR D 7 -21.04 14.51 -2.14
N GLN D 8 -20.39 15.59 -1.70
CA GLN D 8 -20.14 15.83 -0.28
C GLN D 8 -21.14 16.85 0.26
N THR D 9 -21.81 16.51 1.35
CA THR D 9 -22.66 17.45 2.06
C THR D 9 -22.18 17.62 3.51
N PRO D 10 -22.14 18.87 4.00
CA PRO D 10 -22.46 20.10 3.29
C PRO D 10 -21.21 20.72 2.65
N LYS D 11 -21.40 21.72 1.80
CA LYS D 11 -20.27 22.44 1.21
C LYS D 11 -19.51 23.20 2.30
N PHE D 12 -20.27 23.88 3.16
CA PHE D 12 -19.69 24.70 4.22
C PHE D 12 -20.23 24.28 5.58
N LEU D 13 -19.40 24.39 6.60
CA LEU D 13 -19.77 23.94 7.95
C LEU D 13 -19.33 24.92 9.04
N ILE D 14 -20.32 25.43 9.78
CA ILE D 14 -20.05 26.29 10.93
C ILE D 14 -20.06 25.46 12.21
N GLY D 15 -18.90 25.37 12.85
CA GLY D 15 -18.75 24.64 14.10
C GLY D 15 -18.32 25.52 15.25
N GLN D 16 -18.48 25.01 16.47
CA GLN D 16 -18.02 25.69 17.69
C GLN D 16 -16.99 24.82 18.37
N GLU D 17 -16.18 25.41 19.25
CA GLU D 17 -15.16 24.65 19.96
C GLU D 17 -15.78 23.49 20.73
N GLY D 18 -15.24 22.30 20.51
CA GLY D 18 -15.68 21.09 21.19
C GLY D 18 -17.00 20.50 20.72
N GLN D 19 -17.51 21.02 19.61
CA GLN D 19 -18.75 20.49 19.03
C GLN D 19 -18.48 19.23 18.22
N LYS D 20 -19.40 18.27 18.25
CA LYS D 20 -19.31 17.10 17.40
C LYS D 20 -19.48 17.53 15.94
N LEU D 21 -18.71 16.92 15.03
CA LEU D 21 -18.78 17.27 13.62
C LEU D 21 -19.21 16.11 12.74
N THR D 22 -20.22 16.33 11.92
CA THR D 22 -20.72 15.32 11.00
C THR D 22 -20.79 15.81 9.55
N LEU D 23 -20.30 14.99 8.62
CA LEU D 23 -20.41 15.31 7.19
C LEU D 23 -20.54 14.06 6.34
N LYS D 24 -21.40 14.14 5.33
CA LYS D 24 -21.76 12.98 4.51
C LYS D 24 -20.98 12.96 3.20
N CYS D 25 -21.02 11.81 2.53
CA CYS D 25 -20.49 11.67 1.19
C CYS D 25 -21.23 10.53 0.52
N GLN D 26 -21.90 10.85 -0.58
CA GLN D 26 -22.64 9.85 -1.34
C GLN D 26 -22.07 9.72 -2.75
N GLN D 27 -22.20 8.53 -3.32
CA GLN D 27 -21.49 8.13 -4.52
C GLN D 27 -22.31 7.08 -5.26
N ASN D 28 -22.48 7.27 -6.56
CA ASN D 28 -23.28 6.33 -7.36
C ASN D 28 -22.51 5.63 -8.51
N PHE D 29 -21.19 5.56 -8.38
CA PHE D 29 -20.36 4.88 -9.38
C PHE D 29 -20.35 3.37 -9.20
N ASN D 30 -21.03 2.88 -8.16
CA ASN D 30 -21.01 1.47 -7.76
C ASN D 30 -19.63 1.08 -7.21
N HIS D 31 -18.99 2.04 -6.55
CA HIS D 31 -17.64 1.90 -6.00
C HIS D 31 -17.65 1.32 -4.58
N ASP D 32 -16.87 0.26 -4.39
CA ASP D 32 -16.80 -0.40 -3.08
C ASP D 32 -15.95 0.36 -2.09
N THR D 33 -14.92 1.05 -2.59
CA THR D 33 -13.99 1.78 -1.74
C THR D 33 -14.34 3.25 -1.64
N MET D 34 -14.18 3.81 -0.44
CA MET D 34 -14.47 5.22 -0.18
C MET D 34 -13.51 5.80 0.85
N TYR D 35 -13.21 7.10 0.74
CA TYR D 35 -12.10 7.71 1.48
C TYR D 35 -12.47 9.04 2.10
N TRP D 36 -11.73 9.41 3.13
CA TRP D 36 -11.80 10.74 3.72
C TRP D 36 -10.38 11.26 3.90
N TYR D 37 -10.08 12.34 3.18
CA TYR D 37 -8.79 12.98 3.27
C TYR D 37 -8.93 14.31 3.99
N ARG D 38 -7.81 14.84 4.45
CA ARG D 38 -7.77 16.21 4.93
C ARG D 38 -6.74 16.99 4.12
N GLN D 39 -7.16 18.14 3.60
CA GLN D 39 -6.27 19.03 2.85
C GLN D 39 -5.84 20.22 3.70
N ASP D 40 -4.61 20.16 4.17
CA ASP D 40 -4.03 21.26 4.94
C ASP D 40 -3.16 22.11 4.01
N SER D 41 -3.14 23.42 4.26
CA SER D 41 -2.40 24.34 3.42
C SER D 41 -0.91 24.02 3.39
N GLY D 42 -0.41 23.69 2.20
CA GLY D 42 1.01 23.42 1.99
C GLY D 42 1.45 22.00 2.27
N LYS D 43 0.49 21.12 2.56
CA LYS D 43 0.82 19.74 2.93
C LYS D 43 0.41 18.70 1.89
N GLY D 44 -0.79 18.83 1.35
CA GLY D 44 -1.31 17.78 0.49
C GLY D 44 -2.09 16.76 1.30
N LEU D 45 -2.80 15.89 0.59
CA LEU D 45 -3.77 15.00 1.23
C LEU D 45 -3.18 13.99 2.19
N ARG D 46 -3.85 13.82 3.33
CA ARG D 46 -3.53 12.79 4.29
C ARG D 46 -4.80 11.97 4.56
N LEU D 47 -4.69 10.66 4.49
CA LEU D 47 -5.86 9.81 4.70
C LEU D 47 -6.30 9.83 6.16
N ILE D 48 -7.59 10.02 6.39
CA ILE D 48 -8.17 9.93 7.72
C ILE D 48 -8.76 8.52 7.88
N TYR D 49 -9.80 8.23 7.11
CA TYR D 49 -10.45 6.93 7.13
C TYR D 49 -10.77 6.44 5.73
N TYR D 50 -10.93 5.13 5.60
CA TYR D 50 -11.36 4.52 4.36
C TYR D 50 -12.20 3.27 4.64
N SER D 51 -12.80 2.71 3.60
CA SER D 51 -13.64 1.58 3.76
C SER D 51 -13.77 0.76 2.52
N TYR D 52 -13.91 -0.55 2.69
CA TYR D 52 -14.05 -1.46 1.54
C TYR D 52 -15.50 -1.80 1.29
N GLY D 53 -16.39 -1.33 2.16
CA GLY D 53 -17.81 -1.63 2.07
C GLY D 53 -18.54 -1.19 3.32
N ALA D 54 -19.80 -1.57 3.43
CA ALA D 54 -20.59 -1.23 4.61
C ALA D 54 -20.02 -1.90 5.85
N GLY D 55 -20.03 -1.17 6.95
CA GLY D 55 -19.56 -1.67 8.21
C GLY D 55 -18.08 -1.63 8.33
N SER D 56 -17.41 -1.42 7.22
CA SER D 56 -15.98 -1.33 7.17
C SER D 56 -15.52 0.08 7.29
N THR D 57 -14.78 0.36 8.34
CA THR D 57 -14.10 1.60 8.50
C THR D 57 -12.71 1.30 8.93
N GLU D 58 -11.74 1.71 8.15
CA GLU D 58 -10.33 1.45 8.44
C GLU D 58 -9.56 2.72 8.67
N LYS D 59 -8.74 2.70 9.73
CA LYS D 59 -7.91 3.84 10.10
C LYS D 59 -6.90 4.17 9.01
N GLY D 60 -6.75 5.46 8.75
CA GLY D 60 -5.67 5.98 7.93
C GLY D 60 -4.66 6.67 8.83
N ASP D 61 -3.75 7.42 8.23
CA ASP D 61 -2.67 8.06 8.98
C ASP D 61 -3.11 9.25 9.84
N LEU D 62 -4.34 9.72 9.64
CA LEU D 62 -4.83 10.93 10.32
C LEU D 62 -6.12 10.65 11.09
N SER D 63 -6.28 9.40 11.54
CA SER D 63 -7.53 8.94 12.17
C SER D 63 -7.81 9.57 13.53
N GLU D 64 -6.75 9.86 14.28
CA GLU D 64 -6.94 10.37 15.61
C GLU D 64 -7.75 11.63 15.47
N GLY D 65 -8.80 11.70 16.28
CA GLY D 65 -9.67 12.87 16.40
C GLY D 65 -10.97 12.73 15.61
N TYR D 66 -11.07 11.64 14.85
CA TYR D 66 -12.21 11.41 13.98
C TYR D 66 -12.69 9.97 14.11
N ASP D 67 -13.98 9.79 13.85
CA ASP D 67 -14.52 8.47 13.59
C ASP D 67 -15.35 8.55 12.31
N ALA D 68 -15.56 7.41 11.68
CA ALA D 68 -16.31 7.34 10.43
C ALA D 68 -17.16 6.09 10.43
N SER D 69 -18.26 6.14 9.69
CA SER D 69 -19.15 5.00 9.56
C SER D 69 -19.65 4.89 8.13
N ARG D 70 -19.70 3.66 7.64
CA ARG D 70 -20.24 3.37 6.32
C ARG D 70 -21.52 2.56 6.49
N GLU D 71 -22.65 3.26 6.45
CA GLU D 71 -23.96 2.61 6.54
C GLU D 71 -24.22 1.68 5.36
N LYS D 72 -23.83 2.13 4.17
CA LYS D 72 -24.09 1.38 2.94
C LYS D 72 -23.06 1.71 1.85
N LYS D 73 -23.13 0.96 0.74
CA LYS D 73 -22.19 1.10 -0.36
C LYS D 73 -22.14 2.51 -0.93
N SER D 74 -23.32 3.11 -1.09
CA SER D 74 -23.45 4.43 -1.68
C SER D 74 -23.04 5.59 -0.76
N SER D 75 -22.90 5.32 0.55
CA SER D 75 -22.76 6.40 1.54
C SER D 75 -21.68 6.19 2.59
N PHE D 76 -20.94 7.26 2.89
CA PHE D 76 -19.81 7.22 3.82
C PHE D 76 -19.73 8.51 4.64
N SER D 77 -20.03 8.39 5.94
CA SER D 77 -20.00 9.55 6.85
C SER D 77 -18.68 9.66 7.61
N LEU D 78 -18.24 10.90 7.83
CA LEU D 78 -17.13 11.18 8.71
C LEU D 78 -17.63 12.07 9.85
N THR D 79 -17.12 11.83 11.05
CA THR D 79 -17.48 12.63 12.22
C THR D 79 -16.24 13.23 12.84
N VAL D 80 -16.29 14.55 13.07
CA VAL D 80 -15.27 15.26 13.82
C VAL D 80 -15.71 15.28 15.28
N THR D 81 -14.97 14.57 16.14
CA THR D 81 -15.37 14.37 17.53
C THR D 81 -15.42 15.65 18.35
N SER D 82 -14.33 16.42 18.31
CA SER D 82 -14.22 17.67 19.05
C SER D 82 -13.51 18.72 18.20
N ALA D 83 -14.28 19.69 17.72
CA ALA D 83 -13.75 20.77 16.90
C ALA D 83 -12.75 21.65 17.66
N GLN D 84 -11.57 21.86 17.05
CA GLN D 84 -10.49 22.65 17.65
C GLN D 84 -10.86 24.13 17.74
N LYS D 85 -10.26 24.84 18.70
CA LYS D 85 -10.62 26.24 18.92
C LYS D 85 -10.34 27.14 17.73
N ASN D 86 -9.27 26.97 16.98
CA ASN D 86 -9.07 27.91 15.89
C ASN D 86 -9.33 27.35 14.51
N GLU D 87 -9.88 26.17 14.47
CA GLU D 87 -9.99 25.34 13.28
C GLU D 87 -10.46 26.00 11.97
N MET D 88 -9.78 25.60 10.90
CA MET D 88 -10.09 25.86 9.51
C MET D 88 -9.52 24.71 8.69
N ALA D 89 -10.41 23.92 8.10
CA ALA D 89 -10.02 22.71 7.40
C ALA D 89 -10.86 22.45 6.16
N VAL D 90 -10.27 21.73 5.22
CA VAL D 90 -10.97 21.26 4.05
C VAL D 90 -10.99 19.73 4.11
N PHE D 91 -12.15 19.15 3.86
CA PHE D 91 -12.28 17.70 3.88
C PHE D 91 -12.71 17.18 2.53
N LEU D 92 -11.93 16.25 1.98
CA LEU D 92 -12.21 15.71 0.66
C LEU D 92 -12.55 14.22 0.68
N CYS D 93 -13.69 13.90 0.09
CA CYS D 93 -14.13 12.54 -0.06
C CYS D 93 -13.76 12.01 -1.44
N ALA D 94 -13.48 10.71 -1.51
CA ALA D 94 -13.13 10.05 -2.75
C ALA D 94 -13.65 8.62 -2.75
N SER D 95 -14.03 8.12 -3.92
CA SER D 95 -14.41 6.73 -4.06
C SER D 95 -13.59 6.05 -5.15
N GLY D 96 -13.43 4.72 -5.05
CA GLY D 96 -12.64 3.99 -6.00
C GLY D 96 -13.22 2.64 -6.37
N SER D 97 -12.85 2.14 -7.55
CA SER D 97 -13.21 0.79 -7.94
C SER D 97 -12.22 -0.18 -7.30
N LEU D 98 -12.76 -1.29 -6.82
CA LEU D 98 -11.96 -2.36 -6.25
C LEU D 98 -11.19 -3.11 -7.35
N LEU D 99 -11.69 -3.02 -8.58
CA LEU D 99 -11.11 -3.74 -9.72
C LEU D 99 -10.27 -2.85 -10.67
N ASP D 100 -10.05 -1.60 -10.28
CA ASP D 100 -9.28 -0.62 -11.07
C ASP D 100 -8.83 0.54 -10.20
N VAL D 101 -7.58 0.49 -9.78
CA VAL D 101 -7.02 1.48 -8.86
C VAL D 101 -7.06 2.87 -9.45
N ARG D 102 -6.82 2.96 -10.76
CA ARG D 102 -6.75 4.25 -11.44
C ARG D 102 -8.07 5.01 -11.33
N GLU D 103 -9.19 4.30 -11.45
CA GLU D 103 -10.49 4.96 -11.34
C GLU D 103 -10.74 5.38 -9.89
N VAL D 104 -10.43 6.64 -9.60
CA VAL D 104 -10.68 7.26 -8.30
C VAL D 104 -11.30 8.63 -8.59
N PHE D 105 -12.44 8.93 -7.95
CA PHE D 105 -13.12 10.20 -8.15
C PHE D 105 -13.26 10.97 -6.84
N PHE D 106 -13.08 12.28 -6.90
CA PHE D 106 -13.20 13.14 -5.73
C PHE D 106 -14.46 14.00 -5.79
N GLY D 107 -14.96 14.39 -4.62
CA GLY D 107 -16.04 15.36 -4.50
C GLY D 107 -15.47 16.77 -4.40
N LYS D 108 -16.34 17.77 -4.43
CA LYS D 108 -15.93 19.18 -4.45
C LYS D 108 -15.45 19.73 -3.09
N GLY D 109 -15.46 18.90 -2.05
CA GLY D 109 -14.87 19.26 -0.76
C GLY D 109 -15.82 19.91 0.23
N THR D 110 -15.36 20.04 1.46
CA THR D 110 -16.15 20.61 2.56
C THR D 110 -15.29 21.59 3.37
N ARG D 111 -15.77 22.83 3.47
CA ARG D 111 -15.03 23.85 4.19
C ARG D 111 -15.58 24.00 5.60
N LEU D 112 -14.69 23.82 6.57
CA LEU D 112 -15.02 23.94 7.98
C LEU D 112 -14.42 25.21 8.57
N THR D 113 -15.26 25.98 9.25
CA THR D 113 -14.82 27.13 10.02
C THR D 113 -15.42 27.07 11.41
N VAL D 114 -14.55 26.90 12.41
CA VAL D 114 -14.98 26.91 13.80
C VAL D 114 -15.03 28.35 14.30
N VAL D 115 -16.21 28.77 14.73
CA VAL D 115 -16.34 30.10 15.29
C VAL D 115 -16.52 30.03 16.77
N GLU D 116 -15.77 30.87 17.46
CA GLU D 116 -15.72 30.88 18.90
C GLU D 116 -17.07 31.20 19.55
N ASP D 117 -17.82 32.12 18.99
CA ASP D 117 -19.12 32.27 19.52
C ASP D 117 -20.05 32.29 18.37
N LEU D 118 -21.23 31.74 18.56
CA LEU D 118 -22.24 31.68 17.55
C LEU D 118 -22.61 33.06 17.16
N LYS D 119 -22.61 33.95 18.11
CA LYS D 119 -23.17 35.26 17.94
C LYS D 119 -22.49 36.01 16.82
N ASN D 120 -21.22 35.75 16.63
CA ASN D 120 -20.40 36.37 15.61
C ASN D 120 -20.94 36.27 14.20
N VAL D 121 -21.66 35.21 13.91
CA VAL D 121 -22.10 34.91 12.54
C VAL D 121 -23.04 35.99 12.00
N PHE D 122 -22.69 36.53 10.82
CA PHE D 122 -23.48 37.57 10.15
C PHE D 122 -23.63 37.30 8.66
N PRO D 123 -24.82 37.62 8.10
CA PRO D 123 -25.02 37.58 6.64
C PRO D 123 -24.42 38.81 5.97
N PRO D 124 -24.17 38.75 4.64
CA PRO D 124 -23.64 39.91 3.93
C PRO D 124 -24.71 40.91 3.53
N GLU D 125 -24.32 42.18 3.44
CA GLU D 125 -25.13 43.20 2.80
C GLU D 125 -24.64 43.40 1.37
N VAL D 126 -25.56 43.34 0.42
CA VAL D 126 -25.20 43.38 -1.00
C VAL D 126 -25.74 44.63 -1.69
N ALA D 127 -24.82 45.41 -2.26
CA ALA D 127 -25.15 46.61 -3.00
C ALA D 127 -24.49 46.64 -4.37
N VAL D 128 -25.23 47.10 -5.38
CA VAL D 128 -24.72 47.19 -6.75
C VAL D 128 -24.41 48.64 -7.12
N PHE D 129 -23.31 48.84 -7.85
CA PHE D 129 -22.89 50.17 -8.27
C PHE D 129 -22.97 50.34 -9.79
N GLU D 130 -23.56 51.45 -10.23
CA GLU D 130 -23.68 51.77 -11.65
C GLU D 130 -22.36 52.28 -12.22
N PRO D 131 -22.09 52.01 -13.50
CA PRO D 131 -20.83 52.45 -14.12
C PRO D 131 -20.74 53.99 -14.21
N SER D 132 -19.57 54.52 -13.85
CA SER D 132 -19.30 55.96 -13.89
C SER D 132 -19.27 56.44 -15.34
N GLU D 133 -19.97 57.55 -15.61
CA GLU D 133 -20.22 58.02 -16.98
C GLU D 133 -18.94 58.34 -17.76
N ALA D 134 -17.90 58.74 -17.05
CA ALA D 134 -16.60 59.07 -17.64
C ALA D 134 -16.01 57.91 -18.45
N GLU D 135 -16.25 56.69 -17.98
CA GLU D 135 -15.77 55.47 -18.64
C GLU D 135 -16.43 55.25 -19.99
N ILE D 136 -17.75 55.43 -20.03
CA ILE D 136 -18.55 55.21 -21.24
C ILE D 136 -18.01 55.95 -22.46
N SER D 137 -17.82 57.27 -22.32
CA SER D 137 -17.30 58.09 -23.41
C SER D 137 -15.85 57.72 -23.73
N HIS D 138 -15.11 57.37 -22.68
CA HIS D 138 -13.69 57.08 -22.76
C HIS D 138 -13.39 55.72 -23.42
N THR D 139 -14.13 54.70 -23.02
CA THR D 139 -13.81 53.31 -23.42
C THR D 139 -14.89 52.64 -24.26
N GLN D 140 -16.13 53.14 -24.15
CA GLN D 140 -17.32 52.48 -24.75
C GLN D 140 -17.62 51.14 -24.07
N LYS D 141 -17.08 50.97 -22.88
CA LYS D 141 -17.33 49.80 -22.03
C LYS D 141 -17.83 50.29 -20.68
N ALA D 142 -18.58 49.44 -19.98
CA ALA D 142 -19.18 49.81 -18.70
C ALA D 142 -19.14 48.67 -17.67
N THR D 143 -18.41 48.91 -16.57
CA THR D 143 -18.32 47.92 -15.49
C THR D 143 -19.27 48.24 -14.36
N LEU D 144 -20.03 47.23 -13.94
CA LEU D 144 -20.78 47.30 -12.70
C LEU D 144 -19.88 46.72 -11.61
N VAL D 145 -19.98 47.26 -10.40
CA VAL D 145 -19.24 46.73 -9.26
C VAL D 145 -20.23 46.26 -8.20
N CYS D 146 -20.00 45.06 -7.66
CA CYS D 146 -20.82 44.49 -6.60
C CYS D 146 -20.04 44.37 -5.31
N LEU D 147 -20.69 44.71 -4.21
CA LEU D 147 -20.05 44.68 -2.90
C LEU D 147 -20.83 43.93 -1.83
N ALA D 148 -20.30 42.77 -1.45
CA ALA D 148 -20.78 42.02 -0.30
C ALA D 148 -19.95 42.45 0.91
N THR D 149 -20.64 42.84 1.98
CA THR D 149 -19.97 43.39 3.15
C THR D 149 -20.60 42.91 4.45
N GLY D 150 -19.74 42.67 5.44
CA GLY D 150 -20.17 42.34 6.80
C GLY D 150 -20.67 40.92 7.00
N PHE D 151 -19.94 39.95 6.45
CA PHE D 151 -20.30 38.54 6.59
C PHE D 151 -19.21 37.71 7.25
N TYR D 152 -19.64 36.72 8.03
CA TYR D 152 -18.74 35.77 8.69
C TYR D 152 -19.46 34.44 8.89
N PRO D 153 -18.80 33.31 8.53
CA PRO D 153 -17.46 33.19 7.95
C PRO D 153 -17.45 33.40 6.44
N ASP D 154 -16.28 33.23 5.81
CA ASP D 154 -16.13 33.46 4.36
C ASP D 154 -16.77 32.35 3.51
N HIS D 155 -18.01 32.01 3.84
CA HIS D 155 -18.74 30.91 3.23
C HIS D 155 -19.76 31.46 2.24
N VAL D 156 -19.25 32.00 1.13
CA VAL D 156 -20.10 32.69 0.16
C VAL D 156 -19.87 32.23 -1.27
N GLU D 157 -20.91 32.40 -2.10
CA GLU D 157 -20.83 32.18 -3.54
C GLU D 157 -21.50 33.35 -4.27
N LEU D 158 -20.68 34.17 -4.91
CA LEU D 158 -21.15 35.36 -5.64
C LEU D 158 -21.33 35.07 -7.12
N SER D 159 -22.46 35.49 -7.68
CA SER D 159 -22.75 35.34 -9.10
C SER D 159 -23.40 36.59 -9.72
N TRP D 160 -23.20 36.77 -11.02
CA TRP D 160 -23.86 37.85 -11.76
C TRP D 160 -25.00 37.30 -12.61
N TRP D 161 -26.04 38.10 -12.78
CA TRP D 161 -27.26 37.69 -13.49
C TRP D 161 -27.77 38.81 -14.38
N VAL D 162 -27.75 38.58 -15.70
CA VAL D 162 -28.35 39.49 -16.66
C VAL D 162 -29.51 38.83 -17.39
N ASN D 163 -30.65 39.52 -17.41
CA ASN D 163 -31.83 39.04 -18.12
C ASN D 163 -32.36 37.67 -17.67
N GLY D 164 -32.30 37.41 -16.38
CA GLY D 164 -32.85 36.17 -15.82
C GLY D 164 -31.93 34.98 -16.00
N LYS D 165 -30.72 35.25 -16.47
CA LYS D 165 -29.71 34.22 -16.69
C LYS D 165 -28.35 34.61 -16.12
N GLU D 166 -27.61 33.63 -15.60
CA GLU D 166 -26.23 33.84 -15.14
C GLU D 166 -25.22 34.04 -16.28
N VAL D 167 -24.23 34.90 -16.07
CA VAL D 167 -23.16 35.12 -17.06
C VAL D 167 -21.74 34.97 -16.50
N HIS D 168 -20.90 34.20 -17.19
CA HIS D 168 -19.49 34.01 -16.78
C HIS D 168 -18.48 34.84 -17.58
N SER D 169 -18.98 35.66 -18.50
CA SER D 169 -18.17 36.47 -19.41
C SER D 169 -18.23 37.96 -19.06
N GLY D 170 -17.06 38.55 -18.89
CA GLY D 170 -16.94 39.95 -18.48
C GLY D 170 -16.92 40.11 -16.97
N VAL D 171 -16.83 38.98 -16.27
CA VAL D 171 -16.93 38.95 -14.82
C VAL D 171 -15.60 38.66 -14.13
N CYS D 172 -15.39 39.32 -12.99
CA CYS D 172 -14.25 39.02 -12.13
C CYS D 172 -14.66 39.16 -10.66
N THR D 173 -14.32 38.14 -9.88
CA THR D 173 -14.56 38.15 -8.43
C THR D 173 -13.23 37.92 -7.74
N ASP D 174 -13.00 38.66 -6.65
CA ASP D 174 -11.79 38.50 -5.85
C ASP D 174 -11.62 37.06 -5.39
N PRO D 175 -10.41 36.50 -5.58
CA PRO D 175 -10.11 35.16 -5.08
C PRO D 175 -10.03 35.13 -3.56
N GLN D 176 -9.60 36.26 -2.98
CA GLN D 176 -9.42 36.39 -1.54
C GLN D 176 -10.32 37.48 -0.94
N PRO D 177 -11.16 37.12 0.05
CA PRO D 177 -11.97 38.10 0.76
C PRO D 177 -11.13 38.97 1.71
N LEU D 178 -11.62 40.17 1.99
CA LEU D 178 -10.94 41.12 2.86
C LEU D 178 -11.52 41.10 4.26
N LYS D 179 -10.64 41.09 5.26
CA LYS D 179 -11.06 41.19 6.66
C LYS D 179 -11.38 42.64 6.99
N GLU D 180 -12.60 42.89 7.48
CA GLU D 180 -13.06 44.23 7.81
C GLU D 180 -12.37 44.81 9.05
N GLN D 181 -11.96 43.92 9.96
CA GLN D 181 -11.11 44.30 11.08
C GLN D 181 -10.00 43.24 11.20
N PRO D 182 -8.88 43.44 10.49
CA PRO D 182 -7.78 42.46 10.44
C PRO D 182 -7.19 42.13 11.81
N ALA D 183 -7.63 42.85 12.84
CA ALA D 183 -7.07 42.73 14.19
C ALA D 183 -7.50 41.46 14.92
N LEU D 184 -8.80 41.23 14.91
CA LEU D 184 -9.42 40.26 15.75
C LEU D 184 -9.79 39.07 14.93
N ASN D 185 -9.31 37.90 15.32
CA ASN D 185 -9.61 36.69 14.55
C ASN D 185 -11.11 36.47 14.50
N ASP D 186 -11.61 36.00 13.36
CA ASP D 186 -13.05 35.86 13.15
C ASP D 186 -13.70 37.18 12.70
N SER D 187 -12.87 38.15 12.34
CA SER D 187 -13.37 39.45 11.88
C SER D 187 -14.17 39.32 10.58
N ARG D 188 -15.23 40.11 10.47
CA ARG D 188 -16.16 39.99 9.38
C ARG D 188 -15.50 40.22 8.02
N TYR D 189 -16.17 39.84 6.94
CA TYR D 189 -15.52 39.84 5.63
C TYR D 189 -16.15 40.79 4.60
N ALA D 190 -15.34 41.22 3.64
CA ALA D 190 -15.79 42.02 2.50
C ALA D 190 -15.24 41.46 1.19
N LEU D 191 -16.07 41.44 0.16
CA LEU D 191 -15.71 40.87 -1.14
C LEU D 191 -16.28 41.70 -2.29
N SER D 192 -15.43 41.97 -3.28
CA SER D 192 -15.84 42.75 -4.45
C SER D 192 -15.80 41.94 -5.74
N SER D 193 -16.71 42.26 -6.66
CA SER D 193 -16.79 41.61 -7.96
C SER D 193 -17.17 42.62 -9.05
N ARG D 194 -16.76 42.36 -10.28
CA ARG D 194 -17.08 43.26 -11.39
C ARG D 194 -17.67 42.57 -12.61
N LEU D 195 -18.67 43.21 -13.22
CA LEU D 195 -19.22 42.76 -14.48
C LEU D 195 -19.07 43.89 -15.49
N ARG D 196 -18.35 43.62 -16.58
CA ARG D 196 -18.08 44.62 -17.60
C ARG D 196 -18.73 44.23 -18.93
N VAL D 197 -19.66 45.07 -19.38
CA VAL D 197 -20.32 44.89 -20.68
C VAL D 197 -20.13 46.15 -21.54
N SER D 198 -20.55 46.06 -22.79
CA SER D 198 -20.52 47.18 -23.72
C SER D 198 -21.45 48.30 -23.24
N ALA D 199 -21.03 49.54 -23.45
CA ALA D 199 -21.82 50.72 -23.06
C ALA D 199 -23.17 50.74 -23.75
N THR D 200 -23.19 50.33 -25.02
CA THR D 200 -24.42 50.19 -25.79
C THR D 200 -25.39 49.17 -25.18
N PHE D 201 -24.83 48.16 -24.53
CA PHE D 201 -25.61 47.12 -23.84
C PHE D 201 -26.20 47.67 -22.54
N TRP D 202 -25.41 48.48 -21.83
CA TRP D 202 -25.83 49.07 -20.55
C TRP D 202 -26.85 50.19 -20.70
N GLN D 203 -26.61 51.09 -21.67
CA GLN D 203 -27.48 52.25 -21.90
C GLN D 203 -28.96 51.87 -22.03
N ASN D 204 -29.21 50.68 -22.59
CA ASN D 204 -30.56 50.13 -22.72
C ASN D 204 -31.13 49.71 -21.35
N PRO D 205 -32.28 50.30 -20.96
CA PRO D 205 -32.91 49.97 -19.68
C PRO D 205 -33.94 48.83 -19.79
N ARG D 206 -33.79 48.00 -20.81
CA ARG D 206 -34.57 46.75 -20.94
C ARG D 206 -33.76 45.59 -20.36
N ASN D 207 -32.44 45.77 -20.35
CA ASN D 207 -31.52 44.80 -19.76
C ASN D 207 -31.47 44.95 -18.24
N HIS D 208 -31.78 43.86 -17.55
CA HIS D 208 -31.81 43.82 -16.10
C HIS D 208 -30.55 43.18 -15.54
N PHE D 209 -29.95 43.83 -14.53
CA PHE D 209 -28.67 43.39 -13.98
C PHE D 209 -28.80 43.05 -12.50
N ARG D 210 -28.35 41.84 -12.12
CA ARG D 210 -28.51 41.37 -10.75
C ARG D 210 -27.26 40.69 -10.19
N CYS D 211 -26.78 41.20 -9.06
CA CYS D 211 -25.67 40.59 -8.36
C CYS D 211 -26.18 39.77 -7.18
N GLN D 212 -26.00 38.45 -7.27
CA GLN D 212 -26.53 37.52 -6.28
C GLN D 212 -25.41 36.86 -5.45
N VAL D 213 -25.59 36.85 -4.14
CA VAL D 213 -24.65 36.21 -3.22
C VAL D 213 -25.33 35.13 -2.38
N GLN D 214 -24.87 33.89 -2.53
CA GLN D 214 -25.34 32.78 -1.72
C GLN D 214 -24.51 32.74 -0.44
N PHE D 215 -25.19 32.88 0.69
CA PHE D 215 -24.54 32.80 1.99
C PHE D 215 -24.93 31.52 2.71
N TYR D 216 -23.94 30.88 3.32
CA TYR D 216 -24.16 29.64 4.07
C TYR D 216 -23.92 29.88 5.55
N GLY D 217 -25.01 29.90 6.31
CA GLY D 217 -24.96 30.24 7.71
C GLY D 217 -25.56 29.19 8.61
N LEU D 218 -26.39 29.66 9.54
CA LEU D 218 -27.01 28.80 10.53
C LEU D 218 -28.16 28.02 9.93
N SER D 219 -28.19 26.73 10.21
CA SER D 219 -29.29 25.87 9.79
C SER D 219 -30.46 26.02 10.75
N GLU D 220 -31.65 25.62 10.30
CA GLU D 220 -32.84 25.58 11.15
C GLU D 220 -32.64 24.55 12.26
N ASN D 221 -31.78 23.56 11.98
CA ASN D 221 -31.40 22.50 12.91
C ASN D 221 -31.04 23.02 14.31
N ASP D 222 -30.03 23.89 14.38
CA ASP D 222 -29.64 24.51 15.65
C ASP D 222 -30.37 25.83 15.90
N GLU D 223 -31.20 25.84 16.93
CA GLU D 223 -31.94 27.03 17.33
C GLU D 223 -30.99 28.03 18.00
N TRP D 224 -31.30 29.31 17.80
CA TRP D 224 -30.47 30.47 18.08
C TRP D 224 -31.30 31.26 19.03
N THR D 225 -30.69 31.87 20.02
CA THR D 225 -31.44 32.72 20.92
C THR D 225 -30.82 34.07 21.18
N GLN D 226 -30.86 34.85 20.14
CA GLN D 226 -30.40 36.24 20.13
C GLN D 226 -31.49 37.12 19.52
N ASP D 227 -31.45 38.40 19.85
CA ASP D 227 -32.55 39.31 19.58
C ASP D 227 -32.99 39.41 18.11
N ARG D 228 -32.04 39.83 17.26
CA ARG D 228 -32.24 40.10 15.82
C ARG D 228 -32.24 38.90 14.86
N ALA D 229 -32.68 39.15 13.62
CA ALA D 229 -32.77 38.12 12.58
C ALA D 229 -31.65 37.08 12.58
N LYS D 230 -32.04 35.82 12.50
CA LYS D 230 -31.12 34.69 12.50
C LYS D 230 -30.32 34.64 11.20
N PRO D 231 -28.97 34.65 11.31
CA PRO D 231 -28.08 34.55 10.14
C PRO D 231 -28.12 33.16 9.49
N VAL D 232 -29.26 32.84 8.90
CA VAL D 232 -29.48 31.55 8.24
C VAL D 232 -28.84 31.51 6.85
N THR D 233 -28.82 30.33 6.26
CA THR D 233 -28.43 30.15 4.87
C THR D 233 -29.44 30.88 3.99
N GLN D 234 -28.95 31.89 3.26
CA GLN D 234 -29.83 32.77 2.49
C GLN D 234 -29.16 33.38 1.25
N ILE D 235 -30.00 33.83 0.33
CA ILE D 235 -29.56 34.59 -0.84
C ILE D 235 -29.89 36.07 -0.61
N VAL D 236 -28.90 36.92 -0.80
CA VAL D 236 -29.10 38.37 -0.78
C VAL D 236 -28.51 39.01 -2.04
N SER D 237 -29.36 39.70 -2.79
CA SER D 237 -28.96 40.27 -4.08
C SER D 237 -29.38 41.73 -4.25
N ALA D 238 -28.63 42.46 -5.09
CA ALA D 238 -28.98 43.82 -5.48
C ALA D 238 -29.34 43.84 -6.96
N GLU D 239 -30.55 44.28 -7.27
CA GLU D 239 -31.02 44.34 -8.65
C GLU D 239 -30.97 45.78 -9.18
N ALA D 240 -30.05 46.02 -10.11
CA ALA D 240 -29.90 47.35 -10.71
C ALA D 240 -30.17 47.30 -12.20
N TRP D 241 -31.01 48.22 -12.67
CA TRP D 241 -31.35 48.29 -14.09
C TRP D 241 -30.37 49.16 -14.85
#